data_4DTJ
#
_entry.id   4DTJ
#
_cell.length_a   75.150
_cell.length_b   119.871
_cell.length_c   130.538
_cell.angle_alpha   90.00
_cell.angle_beta   90.00
_cell.angle_gamma   90.00
#
_symmetry.space_group_name_H-M   'P 21 21 21'
#
loop_
_entity.id
_entity.type
_entity.pdbx_description
1 polymer 'DNA polymerase'
2 polymer 'DNA template'
3 polymer 'DNA primer'
4 non-polymer "THYMIDINE-5'-TRIPHOSPHATE"
5 non-polymer 'CALCIUM ION'
6 water water
#
loop_
_entity_poly.entity_id
_entity_poly.type
_entity_poly.pdbx_seq_one_letter_code
_entity_poly.pdbx_strand_id
1 'polypeptide(L)'
;MKEFYLTVEQIGDSIFERYIDSNGRERTREVEYKPSLFAHCPESQATKYFDIYGKPCTRKLFANMRDASQWIKRMEDIGL
EALGMDDFKLAYLSDTYNYEIKYDHTKIRVANFDIEVTSPDGFPEPSQAKHPIDAITHYDSIDDRFYVFDLLNSPYGNVE
EWSIEIAAKLQEQGGDEVPSEIIDKIIYMPFDNEKELLMEYLNFWQQKTPVILTGWNVESFAIPYVYNRIKNIFGESTAK
RLSPHRKTRVKVIENMYGSREIITLFGISVLDYIDLYKKFSFTNQPSYSLDYISEFELNVGKLKYDGPISKLRESNHQRY
ISYNIIAVYRVLQIDAKRQFINLSLDMGYYAKIQIQSVFSPIKTWDAIIFNSLKEQNKVIPQGRSHPVQPYPGAFVKEPI
PNRYKYVMSFDLTSLYPSIIRQVNISPETIAGTFKVAPLHDYINAVAERPSDVYSCSPNGMMYYKDRDGVVPTEITKVFN
QRKEHKGYMLAAQRNGEIIKEALHNPNLSVDEPLDVDYRFDFSDEIKEKIKKLSAKSLNEMLFRAQRTEVAGMTAQINRK
ALINGLAGALGNVWFRYYDLRNATAITTFGQMALQWIERKVNEYLNEVCGTEGEAFVLYGDTDSIYVSADKIIDKVGESK
FRDTNHWVDFLDKFARERMEPAIDRGFREMCEYMNNKQHLMFMDREAIAGPPLGSKGIGGFWTGKKRYALNVWDMEGTRY
AEPKLKIMGLETQKSSTPKAVQKALKECIRRMLQEGEESLQEYFKEFEKEFRQLNYISIASVSSANNIAKYDVGGFPGPK
CPFHIRGILTYNRAIKGNIDAPQVVEGEKVYVLPLREGNPFGDKCIAWPSGTEITDLIKDDVLHWMDYTVLLEKTFIKPL
EGFTSAAKLDYEKKASLFDMF
;
A
2 'polydeoxyribonucleotide' (DT)(DC)(DG)(3DR)(DA)(DT)(DA)(DA)(DG)(DC)(DA)(DG)(DT)(DC)(DC)(DG)(DC)(DG) T
3 'polydeoxyribonucleotide' (DG)(DC)(DG)(DG)(DA)(DC)(DT)(DG)(DC)(DT)(DT)(DA)(DT) P
#
loop_
_chem_comp.id
_chem_comp.type
_chem_comp.name
_chem_comp.formula
3DR DNA linking 1',2'-DIDEOXYRIBOFURANOSE-5'-PHOSPHATE 'C5 H11 O6 P'
CA non-polymer 'CALCIUM ION' 'Ca 2'
DA DNA linking 2'-DEOXYADENOSINE-5'-MONOPHOSPHATE 'C10 H14 N5 O6 P'
DC DNA linking 2'-DEOXYCYTIDINE-5'-MONOPHOSPHATE 'C9 H14 N3 O7 P'
DG DNA linking 2'-DEOXYGUANOSINE-5'-MONOPHOSPHATE 'C10 H14 N5 O7 P'
DT DNA linking THYMIDINE-5'-MONOPHOSPHATE 'C10 H15 N2 O8 P'
TTP non-polymer THYMIDINE-5'-TRIPHOSPHATE 'C10 H17 N2 O14 P3'
#
# COMPACT_ATOMS: atom_id res chain seq x y z
N MET A 1 -10.21 -32.51 -10.32
CA MET A 1 -10.29 -31.17 -9.69
C MET A 1 -11.20 -30.25 -10.50
N LYS A 2 -11.69 -29.18 -9.86
CA LYS A 2 -12.48 -28.17 -10.55
C LYS A 2 -11.55 -27.34 -11.43
N GLU A 3 -11.99 -27.03 -12.64
CA GLU A 3 -11.17 -26.26 -13.57
C GLU A 3 -11.13 -24.80 -13.16
N PHE A 4 -10.05 -24.11 -13.51
CA PHE A 4 -9.96 -22.67 -13.32
C PHE A 4 -9.16 -22.00 -14.43
N TYR A 5 -9.55 -20.77 -14.79
CA TYR A 5 -8.84 -20.02 -15.82
C TYR A 5 -7.47 -19.57 -15.33
N LEU A 6 -6.57 -19.33 -16.28
CA LEU A 6 -5.29 -18.73 -16.00
C LEU A 6 -5.29 -17.32 -16.57
N THR A 7 -5.62 -17.20 -17.86
CA THR A 7 -5.73 -15.92 -18.51
C THR A 7 -6.89 -15.96 -19.48
N VAL A 8 -7.45 -14.79 -19.77
CA VAL A 8 -8.50 -14.71 -20.77
C VAL A 8 -8.27 -13.44 -21.60
N GLU A 9 -8.56 -13.52 -22.90
CA GLU A 9 -8.44 -12.37 -23.78
C GLU A 9 -9.55 -12.38 -24.82
N GLN A 10 -9.94 -11.19 -25.28
CA GLN A 10 -10.75 -11.09 -26.49
C GLN A 10 -9.84 -10.66 -27.64
N ILE A 11 -9.82 -11.46 -28.70
CA ILE A 11 -9.12 -11.10 -29.93
C ILE A 11 -10.13 -11.21 -31.08
N GLY A 12 -10.63 -10.07 -31.52
CA GLY A 12 -11.71 -10.04 -32.51
C GLY A 12 -12.94 -10.77 -31.98
N ASP A 13 -13.43 -11.73 -32.75
CA ASP A 13 -14.64 -12.48 -32.36
C ASP A 13 -14.34 -13.75 -31.58
N SER A 14 -13.11 -13.85 -31.07
CA SER A 14 -12.68 -15.01 -30.32
C SER A 14 -12.28 -14.65 -28.90
N ILE A 15 -12.63 -15.53 -27.96
CA ILE A 15 -12.05 -15.55 -26.64
C ILE A 15 -10.90 -16.55 -26.67
N PHE A 16 -9.70 -16.10 -26.30
CA PHE A 16 -8.57 -16.98 -26.08
C PHE A 16 -8.38 -17.16 -24.58
N GLU A 17 -8.45 -18.41 -24.15
CA GLU A 17 -8.37 -18.72 -22.74
C GLU A 17 -7.28 -19.74 -22.49
N ARG A 18 -6.41 -19.43 -21.54
CA ARG A 18 -5.53 -20.44 -20.98
C ARG A 18 -6.15 -20.87 -19.67
N TYR A 19 -6.16 -22.17 -19.39
CA TYR A 19 -6.80 -22.67 -18.17
C TYR A 19 -6.16 -23.97 -17.69
N ILE A 20 -6.51 -24.34 -16.45
CA ILE A 20 -6.13 -25.62 -15.88
C ILE A 20 -7.36 -26.52 -15.98
N ASP A 21 -7.23 -27.66 -16.65
CA ASP A 21 -8.37 -28.56 -16.85
C ASP A 21 -8.63 -29.45 -15.64
N SER A 22 -9.63 -30.33 -15.73
CA SER A 22 -10.05 -31.13 -14.58
C SER A 22 -9.00 -32.14 -14.13
N ASN A 23 -7.97 -32.33 -14.96
CA ASN A 23 -6.88 -33.23 -14.64
C ASN A 23 -5.63 -32.51 -14.17
N GLY A 24 -5.73 -31.20 -14.02
CA GLY A 24 -4.61 -30.39 -13.57
C GLY A 24 -3.61 -30.01 -14.63
N ARG A 25 -3.96 -30.21 -15.90
CA ARG A 25 -3.10 -29.84 -17.04
C ARG A 25 -3.39 -28.43 -17.54
N GLU A 26 -2.35 -27.72 -17.96
CA GLU A 26 -2.54 -26.43 -18.62
C GLU A 26 -2.95 -26.64 -20.08
N ARG A 27 -4.01 -25.94 -20.49
CA ARG A 27 -4.56 -26.04 -21.83
C ARG A 27 -4.83 -24.65 -22.37
N THR A 28 -4.99 -24.55 -23.68
CA THR A 28 -5.41 -23.30 -24.30
C THR A 28 -6.53 -23.61 -25.27
N ARG A 29 -7.50 -22.70 -25.37
CA ARG A 29 -8.58 -22.85 -26.30
C ARG A 29 -9.04 -21.53 -26.89
N GLU A 30 -9.58 -21.61 -28.09
CA GLU A 30 -10.20 -20.47 -28.76
C GLU A 30 -11.69 -20.74 -28.84
N VAL A 31 -12.49 -19.82 -28.32
CA VAL A 31 -13.94 -20.01 -28.26
C VAL A 31 -14.63 -18.88 -28.97
N GLU A 32 -15.51 -19.22 -29.93
CA GLU A 32 -16.29 -18.22 -30.65
C GLU A 32 -17.51 -17.85 -29.80
N TYR A 33 -17.22 -17.15 -28.71
CA TYR A 33 -18.21 -16.80 -27.69
C TYR A 33 -19.27 -15.86 -28.22
N LYS A 34 -20.53 -16.25 -28.07
CA LYS A 34 -21.63 -15.39 -28.46
C LYS A 34 -22.14 -14.65 -27.22
N PRO A 35 -21.88 -13.34 -27.15
CA PRO A 35 -22.27 -12.60 -25.95
C PRO A 35 -23.76 -12.23 -25.98
N SER A 36 -24.33 -11.98 -24.81
CA SER A 36 -25.68 -11.44 -24.72
C SER A 36 -25.64 -10.06 -24.09
N LEU A 37 -26.52 -9.19 -24.56
CA LEU A 37 -26.77 -7.90 -23.93
C LEU A 37 -28.29 -7.75 -23.81
N PHE A 38 -28.74 -6.64 -23.24
CA PHE A 38 -30.14 -6.52 -22.88
C PHE A 38 -30.74 -5.17 -23.25
N ALA A 39 -32.02 -5.18 -23.59
CA ALA A 39 -32.79 -3.96 -23.76
C ALA A 39 -34.05 -4.05 -22.89
N HIS A 40 -34.51 -2.91 -22.39
CA HIS A 40 -35.78 -2.87 -21.68
C HIS A 40 -36.87 -3.30 -22.63
N CYS A 41 -37.89 -3.95 -22.10
CA CYS A 41 -38.99 -4.44 -22.93
C CYS A 41 -40.34 -4.15 -22.24
N PRO A 42 -41.46 -4.32 -22.97
CA PRO A 42 -42.77 -4.06 -22.35
C PRO A 42 -43.13 -5.05 -21.26
N GLU A 43 -43.93 -4.60 -20.31
CA GLU A 43 -44.44 -5.43 -19.21
C GLU A 43 -45.18 -6.66 -19.73
N SER A 44 -45.88 -6.48 -20.86
CA SER A 44 -46.67 -7.54 -21.48
C SER A 44 -45.81 -8.67 -22.06
N GLN A 45 -44.50 -8.43 -22.15
CA GLN A 45 -43.57 -9.42 -22.66
C GLN A 45 -42.97 -10.22 -21.50
N ALA A 46 -43.27 -11.52 -21.49
CA ALA A 46 -42.80 -12.43 -20.44
C ALA A 46 -41.27 -12.59 -20.50
N THR A 47 -40.62 -12.34 -19.38
CA THR A 47 -39.17 -12.50 -19.27
C THR A 47 -38.76 -12.97 -17.88
N LYS A 48 -37.56 -13.55 -17.77
CA LYS A 48 -36.98 -13.84 -16.46
C LYS A 48 -35.87 -12.85 -16.12
N TYR A 49 -35.56 -11.94 -17.04
CA TYR A 49 -34.49 -10.96 -16.82
C TYR A 49 -35.04 -9.60 -16.42
N PHE A 50 -34.52 -9.05 -15.33
CA PHE A 50 -34.94 -7.74 -14.84
C PHE A 50 -33.74 -6.90 -14.48
N ASP A 51 -33.83 -5.60 -14.74
CA ASP A 51 -32.75 -4.70 -14.34
C ASP A 51 -32.78 -4.52 -12.82
N ILE A 52 -31.80 -3.80 -12.27
CA ILE A 52 -31.67 -3.74 -10.81
C ILE A 52 -32.84 -3.02 -10.13
N TYR A 53 -33.64 -2.32 -10.93
CA TYR A 53 -34.80 -1.59 -10.44
C TYR A 53 -36.12 -2.36 -10.64
N GLY A 54 -36.02 -3.58 -11.14
CA GLY A 54 -37.19 -4.41 -11.36
C GLY A 54 -37.90 -4.21 -12.69
N LYS A 55 -37.28 -3.47 -13.61
CA LYS A 55 -37.88 -3.30 -14.94
C LYS A 55 -37.48 -4.47 -15.86
N PRO A 56 -38.46 -5.03 -16.60
CA PRO A 56 -38.18 -6.20 -17.42
C PRO A 56 -37.25 -5.89 -18.60
N CYS A 57 -36.44 -6.89 -18.95
CA CYS A 57 -35.51 -6.79 -20.06
C CYS A 57 -35.63 -7.99 -20.98
N THR A 58 -35.39 -7.77 -22.28
CA THR A 58 -35.24 -8.88 -23.21
C THR A 58 -33.75 -9.12 -23.46
N ARG A 59 -33.37 -10.39 -23.57
CA ARG A 59 -31.99 -10.75 -23.86
C ARG A 59 -31.77 -10.80 -25.36
N LYS A 60 -30.69 -10.15 -25.80
CA LYS A 60 -30.28 -10.19 -27.19
C LYS A 60 -29.01 -10.99 -27.35
N LEU A 61 -29.08 -12.09 -28.09
CA LEU A 61 -27.93 -12.96 -28.31
C LEU A 61 -27.31 -12.62 -29.65
N PHE A 62 -26.03 -12.27 -29.65
CA PHE A 62 -25.37 -11.82 -30.87
C PHE A 62 -24.57 -12.94 -31.54
N ALA A 63 -24.45 -12.86 -32.86
CA ALA A 63 -23.72 -13.86 -33.64
C ALA A 63 -22.24 -13.87 -33.27
N ASN A 64 -21.76 -12.72 -32.81
CA ASN A 64 -20.37 -12.56 -32.41
C ASN A 64 -20.16 -11.28 -31.59
N MET A 65 -18.99 -11.13 -31.00
CA MET A 65 -18.71 -10.01 -30.11
C MET A 65 -18.70 -8.66 -30.83
N ARG A 66 -18.26 -8.65 -32.08
CA ARG A 66 -18.26 -7.40 -32.86
C ARG A 66 -19.68 -6.90 -33.10
N ASP A 67 -20.60 -7.80 -33.41
CA ASP A 67 -22.02 -7.44 -33.55
C ASP A 67 -22.59 -6.80 -32.28
N ALA A 68 -22.23 -7.36 -31.12
CA ALA A 68 -22.67 -6.82 -29.83
C ALA A 68 -22.14 -5.41 -29.59
N SER A 69 -20.85 -5.20 -29.85
CA SER A 69 -20.24 -3.89 -29.72
C SER A 69 -20.87 -2.87 -30.66
N GLN A 70 -21.12 -3.28 -31.91
CA GLN A 70 -21.77 -2.41 -32.88
CA GLN A 70 -21.78 -2.42 -32.88
C GLN A 70 -23.20 -2.08 -32.45
N TRP A 71 -23.87 -3.03 -31.81
CA TRP A 71 -25.24 -2.79 -31.31
C TRP A 71 -25.24 -1.74 -30.23
N ILE A 72 -24.28 -1.82 -29.32
CA ILE A 72 -24.11 -0.81 -28.27
C ILE A 72 -24.01 0.59 -28.88
N LYS A 73 -23.17 0.73 -29.91
CA LYS A 73 -23.01 2.00 -30.63
C LYS A 73 -24.31 2.53 -31.22
N ARG A 74 -25.06 1.66 -31.90
CA ARG A 74 -26.35 2.07 -32.48
C ARG A 74 -27.37 2.44 -31.41
N MET A 75 -27.37 1.73 -30.28
CA MET A 75 -28.23 2.09 -29.15
C MET A 75 -27.93 3.51 -28.63
N GLU A 76 -26.64 3.86 -28.57
CA GLU A 76 -26.23 5.22 -28.24
C GLU A 76 -26.72 6.22 -29.31
N ASP A 77 -26.59 5.85 -30.58
CA ASP A 77 -27.11 6.65 -31.70
C ASP A 77 -28.62 6.90 -31.57
N ILE A 78 -29.37 5.88 -31.17
CA ILE A 78 -30.82 6.01 -31.00
C ILE A 78 -31.16 6.78 -29.72
N GLY A 79 -30.35 6.59 -28.69
CA GLY A 79 -30.56 7.24 -27.39
C GLY A 79 -31.24 6.32 -26.40
N LEU A 80 -30.90 5.04 -26.43
CA LEU A 80 -31.47 4.04 -25.54
C LEU A 80 -30.40 3.27 -24.78
N GLU A 81 -30.70 2.92 -23.54
CA GLU A 81 -29.77 2.17 -22.69
C GLU A 81 -29.50 0.78 -23.28
N ALA A 82 -28.22 0.46 -23.43
CA ALA A 82 -27.77 -0.88 -23.80
C ALA A 82 -27.26 -1.54 -22.52
N LEU A 83 -28.06 -2.43 -21.95
CA LEU A 83 -27.75 -3.05 -20.66
C LEU A 83 -26.91 -4.32 -20.78
N GLY A 84 -26.25 -4.70 -19.68
CA GLY A 84 -25.45 -5.93 -19.64
C GLY A 84 -23.96 -5.68 -19.57
N MET A 85 -23.21 -6.76 -19.38
CA MET A 85 -21.76 -6.70 -19.25
C MET A 85 -21.11 -6.51 -20.61
N ASP A 86 -20.60 -5.30 -20.82
CA ASP A 86 -20.01 -4.90 -22.10
C ASP A 86 -18.56 -5.35 -22.28
N ASP A 87 -17.93 -5.76 -21.17
CA ASP A 87 -16.61 -6.38 -21.22
C ASP A 87 -16.84 -7.89 -21.38
N PHE A 88 -16.79 -8.35 -22.63
CA PHE A 88 -17.27 -9.69 -22.95
C PHE A 88 -16.45 -10.79 -22.30
N LYS A 89 -15.17 -10.55 -22.08
CA LYS A 89 -14.38 -11.60 -21.41
C LYS A 89 -14.83 -11.85 -19.97
N LEU A 90 -15.34 -10.82 -19.29
CA LEU A 90 -15.91 -11.01 -17.95
C LEU A 90 -17.19 -11.85 -18.00
N ALA A 91 -18.01 -11.63 -19.03
CA ALA A 91 -19.21 -12.44 -19.23
C ALA A 91 -18.81 -13.89 -19.55
N TYR A 92 -17.79 -14.04 -20.39
CA TYR A 92 -17.27 -15.37 -20.71
C TYR A 92 -16.85 -16.13 -19.44
N LEU A 93 -16.06 -15.49 -18.58
CA LEU A 93 -15.61 -16.13 -17.34
C LEU A 93 -16.81 -16.48 -16.45
N SER A 94 -17.78 -15.57 -16.40
CA SER A 94 -18.97 -15.77 -15.59
C SER A 94 -19.79 -16.99 -16.04
N ASP A 95 -19.88 -17.19 -17.35
CA ASP A 95 -20.57 -18.36 -17.94
C ASP A 95 -19.77 -19.65 -17.79
N THR A 96 -18.45 -19.55 -17.93
CA THR A 96 -17.57 -20.72 -17.95
C THR A 96 -17.23 -21.21 -16.54
N TYR A 97 -17.19 -20.28 -15.59
CA TYR A 97 -16.88 -20.59 -14.20
C TYR A 97 -18.00 -20.14 -13.29
N ASN A 98 -19.15 -20.76 -13.45
CA ASN A 98 -20.33 -20.39 -12.68
C ASN A 98 -20.34 -21.11 -11.31
N TYR A 99 -19.32 -20.80 -10.52
CA TYR A 99 -19.14 -21.34 -9.16
C TYR A 99 -18.01 -20.59 -8.47
N GLU A 100 -17.89 -20.72 -7.16
CA GLU A 100 -16.75 -20.12 -6.46
C GLU A 100 -15.47 -20.81 -6.92
N ILE A 101 -14.55 -20.02 -7.49
CA ILE A 101 -13.31 -20.60 -8.01
C ILE A 101 -12.40 -21.08 -6.89
N LYS A 102 -12.02 -22.35 -6.98
CA LYS A 102 -11.00 -22.94 -6.14
C LYS A 102 -9.77 -23.10 -7.04
N TYR A 103 -8.71 -22.35 -6.75
CA TYR A 103 -7.52 -22.42 -7.56
C TYR A 103 -6.38 -23.11 -6.81
N ASP A 104 -5.44 -23.65 -7.58
CA ASP A 104 -4.28 -24.35 -7.05
C ASP A 104 -3.06 -23.59 -7.55
N HIS A 105 -2.43 -22.82 -6.67
CA HIS A 105 -1.28 -21.99 -7.05
C HIS A 105 -0.12 -22.78 -7.64
N THR A 106 0.04 -24.04 -7.22
CA THR A 106 1.15 -24.88 -7.69
C THR A 106 1.08 -25.20 -9.19
N LYS A 107 -0.09 -25.02 -9.77
CA LYS A 107 -0.33 -25.24 -11.21
C LYS A 107 -0.16 -23.96 -12.04
N ILE A 108 -0.03 -22.81 -11.37
CA ILE A 108 0.07 -21.52 -12.05
C ILE A 108 1.53 -21.16 -12.24
N ARG A 109 1.92 -20.95 -13.50
CA ARG A 109 3.32 -20.63 -13.79
C ARG A 109 3.60 -19.16 -13.48
N VAL A 110 4.31 -18.91 -12.40
CA VAL A 110 4.69 -17.55 -12.02
C VAL A 110 6.14 -17.36 -12.39
N ALA A 111 6.41 -16.44 -13.31
CA ALA A 111 7.77 -16.14 -13.74
C ALA A 111 8.24 -14.80 -13.21
N ASN A 112 9.45 -14.83 -12.65
CA ASN A 112 10.15 -13.64 -12.12
CA ASN A 112 10.12 -13.64 -12.13
C ASN A 112 11.42 -13.46 -12.93
N PHE A 113 11.55 -12.35 -13.66
CA PHE A 113 12.76 -12.13 -14.46
C PHE A 113 13.39 -10.75 -14.37
N ASP A 114 14.64 -10.66 -14.81
CA ASP A 114 15.41 -9.42 -14.79
C ASP A 114 16.43 -9.50 -15.91
N ILE A 115 16.61 -8.40 -16.63
CA ILE A 115 17.60 -8.37 -17.71
C ILE A 115 18.71 -7.37 -17.39
N GLU A 116 19.86 -7.55 -18.05
CA GLU A 116 20.94 -6.59 -17.98
C GLU A 116 21.22 -6.12 -19.39
N VAL A 117 21.53 -4.83 -19.50
CA VAL A 117 21.84 -4.19 -20.78
C VAL A 117 22.98 -3.20 -20.52
N THR A 118 24.18 -3.52 -21.01
CA THR A 118 25.31 -2.58 -20.93
C THR A 118 25.05 -1.41 -21.89
N SER A 119 25.19 -0.19 -21.37
CA SER A 119 24.95 1.00 -22.18
C SER A 119 26.01 2.08 -21.87
N PRO A 120 26.89 2.38 -22.84
CA PRO A 120 27.95 3.38 -22.65
C PRO A 120 27.46 4.83 -22.74
N ASP A 121 26.29 5.04 -23.34
CA ASP A 121 25.78 6.40 -23.56
C ASP A 121 24.50 6.72 -22.77
N GLY A 122 24.48 6.33 -21.50
CA GLY A 122 23.37 6.66 -20.60
C GLY A 122 22.34 5.56 -20.49
N PHE A 123 21.14 5.93 -20.04
CA PHE A 123 20.06 4.97 -19.81
C PHE A 123 19.61 4.33 -21.12
N PRO A 124 19.58 2.98 -21.18
CA PRO A 124 19.13 2.28 -22.38
C PRO A 124 17.61 2.35 -22.55
N GLU A 125 17.14 3.25 -23.40
CA GLU A 125 15.70 3.45 -23.64
C GLU A 125 15.04 2.20 -24.23
N PRO A 126 14.02 1.66 -23.55
CA PRO A 126 13.35 0.44 -24.02
C PRO A 126 12.67 0.60 -25.38
N SER A 127 12.22 1.82 -25.71
CA SER A 127 11.55 2.04 -27.00
C SER A 127 12.51 2.03 -28.18
N GLN A 128 13.80 2.28 -27.90
CA GLN A 128 14.84 2.24 -28.92
CA GLN A 128 14.85 2.24 -28.91
C GLN A 128 15.55 0.89 -28.93
N ALA A 129 15.76 0.31 -27.75
CA ALA A 129 16.48 -0.96 -27.57
C ALA A 129 17.72 -1.09 -28.48
N LYS A 130 18.63 -0.14 -28.37
CA LYS A 130 19.77 -0.06 -29.30
C LYS A 130 21.00 -0.81 -28.82
N HIS A 131 20.96 -1.33 -27.60
CA HIS A 131 22.08 -2.07 -27.02
C HIS A 131 21.74 -3.52 -26.80
N PRO A 132 22.74 -4.41 -26.92
CA PRO A 132 22.52 -5.84 -26.68
C PRO A 132 21.99 -6.15 -25.29
N ILE A 133 21.10 -7.15 -25.22
CA ILE A 133 20.73 -7.72 -23.95
C ILE A 133 21.83 -8.72 -23.62
N ASP A 134 22.55 -8.49 -22.51
CA ASP A 134 23.71 -9.31 -22.20
C ASP A 134 23.55 -10.27 -21.01
N ALA A 135 22.41 -10.18 -20.31
CA ALA A 135 22.04 -11.18 -19.31
C ALA A 135 20.53 -11.21 -19.11
N ILE A 136 19.98 -12.42 -19.00
CA ILE A 136 18.61 -12.61 -18.48
C ILE A 136 18.63 -13.69 -17.40
N THR A 137 18.05 -13.39 -16.24
CA THR A 137 17.76 -14.42 -15.25
C THR A 137 16.24 -14.53 -15.14
N HIS A 138 15.73 -15.75 -15.31
CA HIS A 138 14.31 -16.01 -15.39
C HIS A 138 14.00 -17.15 -14.46
N TYR A 139 13.34 -16.83 -13.34
CA TYR A 139 12.91 -17.83 -12.37
C TYR A 139 11.53 -18.33 -12.70
N ASP A 140 11.36 -19.64 -12.70
CA ASP A 140 10.10 -20.29 -13.00
C ASP A 140 9.59 -20.98 -11.74
N SER A 141 8.38 -20.65 -11.32
CA SER A 141 7.85 -21.17 -10.05
C SER A 141 7.48 -22.65 -10.10
N ILE A 142 7.16 -23.17 -11.28
CA ILE A 142 6.80 -24.58 -11.40
C ILE A 142 8.06 -25.46 -11.34
N ASP A 143 9.10 -25.05 -12.06
CA ASP A 143 10.38 -25.75 -12.01
C ASP A 143 11.16 -25.47 -10.73
N ASP A 144 10.90 -24.31 -10.13
CA ASP A 144 11.67 -23.80 -9.00
C ASP A 144 13.16 -23.74 -9.40
N ARG A 145 13.42 -23.13 -10.55
CA ARG A 145 14.78 -23.00 -11.06
C ARG A 145 15.01 -21.59 -11.59
N PHE A 146 16.24 -21.11 -11.42
CA PHE A 146 16.69 -19.84 -12.00
C PHE A 146 17.42 -20.16 -13.29
N TYR A 147 16.82 -19.76 -14.41
CA TYR A 147 17.41 -19.98 -15.72
C TYR A 147 18.21 -18.75 -16.11
N VAL A 148 19.51 -18.93 -16.27
CA VAL A 148 20.42 -17.81 -16.51
C VAL A 148 20.94 -17.86 -17.95
N PHE A 149 20.66 -16.81 -18.70
CA PHE A 149 21.10 -16.67 -20.09
C PHE A 149 22.19 -15.60 -20.09
N ASP A 150 23.42 -16.00 -20.44
CA ASP A 150 24.60 -15.15 -20.25
C ASP A 150 25.29 -14.92 -21.58
N LEU A 151 25.36 -13.65 -22.01
CA LEU A 151 26.03 -13.30 -23.27
C LEU A 151 27.53 -13.11 -23.08
N LEU A 152 28.31 -13.98 -23.70
CA LEU A 152 29.76 -13.94 -23.51
C LEU A 152 30.49 -13.03 -24.51
N ASN A 153 29.87 -12.83 -25.67
CA ASN A 153 30.46 -12.02 -26.72
C ASN A 153 29.55 -10.88 -27.12
N SER A 154 30.05 -9.66 -26.96
CA SER A 154 29.29 -8.44 -27.20
C SER A 154 30.19 -7.40 -27.88
N PRO A 155 29.60 -6.45 -28.63
CA PRO A 155 30.41 -5.31 -29.09
C PRO A 155 30.98 -4.48 -27.93
N TYR A 156 30.42 -4.63 -26.72
CA TYR A 156 30.96 -3.94 -25.55
C TYR A 156 31.90 -4.81 -24.70
N GLY A 157 32.27 -5.97 -25.24
CA GLY A 157 33.33 -6.79 -24.64
C GLY A 157 33.05 -8.27 -24.65
N ASN A 158 34.11 -9.04 -24.84
CA ASN A 158 34.06 -10.49 -24.72
C ASN A 158 34.53 -10.93 -23.34
N VAL A 159 33.75 -11.80 -22.70
CA VAL A 159 34.01 -12.20 -21.32
C VAL A 159 34.08 -13.71 -21.16
N GLU A 160 34.59 -14.15 -20.01
CA GLU A 160 34.64 -15.57 -19.66
C GLU A 160 33.33 -15.97 -19.02
N GLU A 161 33.06 -17.27 -19.00
CA GLU A 161 31.86 -17.82 -18.35
C GLU A 161 31.80 -17.46 -16.86
N TRP A 162 30.59 -17.30 -16.36
CA TRP A 162 30.36 -17.08 -14.94
C TRP A 162 30.64 -18.35 -14.20
N SER A 163 31.24 -18.22 -13.02
CA SER A 163 31.59 -19.39 -12.20
C SER A 163 30.66 -19.52 -11.01
N ILE A 164 29.90 -20.61 -10.95
CA ILE A 164 29.01 -20.90 -9.81
C ILE A 164 29.80 -21.10 -8.51
N GLU A 165 31.03 -21.59 -8.64
CA GLU A 165 31.91 -21.83 -7.50
C GLU A 165 32.29 -20.51 -6.83
N ILE A 166 32.72 -19.53 -7.62
CA ILE A 166 33.05 -18.21 -7.09
C ILE A 166 31.81 -17.49 -6.58
N ALA A 167 30.70 -17.64 -7.30
CA ALA A 167 29.43 -17.05 -6.92
C ALA A 167 29.00 -17.39 -5.49
N ALA A 168 29.24 -18.65 -5.10
CA ALA A 168 28.82 -19.19 -3.80
C ALA A 168 29.71 -18.69 -2.65
N LYS A 169 30.96 -18.38 -2.96
CA LYS A 169 31.93 -17.97 -1.93
C LYS A 169 31.52 -16.69 -1.22
N LEU A 170 31.97 -16.54 0.02
CA LEU A 170 31.78 -15.29 0.76
C LEU A 170 32.42 -14.12 0.02
N GLN A 171 31.87 -12.92 0.18
CA GLN A 171 32.50 -11.73 -0.40
C GLN A 171 33.92 -11.54 0.13
N GLU A 172 34.16 -12.01 1.36
CA GLU A 172 35.49 -11.99 1.99
C GLU A 172 36.46 -13.01 1.37
N GLN A 173 35.92 -13.96 0.61
CA GLN A 173 36.73 -14.89 -0.18
C GLN A 173 36.86 -14.42 -1.64
N GLY A 174 36.39 -13.21 -1.92
CA GLY A 174 36.36 -12.70 -3.29
C GLY A 174 35.14 -13.20 -4.06
N GLY A 175 34.18 -13.75 -3.33
CA GLY A 175 32.97 -14.29 -3.94
C GLY A 175 31.83 -13.30 -4.04
N ASP A 176 30.66 -13.77 -4.46
CA ASP A 176 29.51 -12.90 -4.67
C ASP A 176 28.40 -13.15 -3.66
N GLU A 177 28.59 -14.17 -2.82
CA GLU A 177 27.59 -14.57 -1.82
C GLU A 177 26.19 -14.79 -2.38
N VAL A 178 26.11 -15.46 -3.53
CA VAL A 178 24.81 -15.96 -4.00
C VAL A 178 24.35 -16.96 -2.94
N PRO A 179 23.15 -16.71 -2.34
CA PRO A 179 22.69 -17.51 -1.20
C PRO A 179 22.75 -19.01 -1.48
N SER A 180 23.30 -19.75 -0.54
CA SER A 180 23.49 -21.19 -0.69
C SER A 180 22.21 -21.94 -1.04
N GLU A 181 21.07 -21.44 -0.55
CA GLU A 181 19.78 -22.11 -0.78
C GLU A 181 19.26 -22.08 -2.22
N ILE A 182 19.86 -21.25 -3.08
CA ILE A 182 19.48 -21.22 -4.50
C ILE A 182 20.57 -21.73 -5.45
N ILE A 183 21.78 -21.94 -4.92
CA ILE A 183 22.92 -22.40 -5.73
C ILE A 183 22.58 -23.64 -6.57
N ASP A 184 21.97 -24.64 -5.94
CA ASP A 184 21.58 -25.88 -6.62
C ASP A 184 20.40 -25.70 -7.58
N LYS A 185 19.78 -24.52 -7.58
CA LYS A 185 18.59 -24.26 -8.40
C LYS A 185 18.91 -23.40 -9.63
N ILE A 186 20.19 -23.12 -9.85
CA ILE A 186 20.61 -22.32 -11.00
C ILE A 186 20.92 -23.19 -12.20
N ILE A 187 20.36 -22.83 -13.35
CA ILE A 187 20.63 -23.52 -14.60
C ILE A 187 21.29 -22.49 -15.52
N TYR A 188 22.58 -22.67 -15.74
CA TYR A 188 23.41 -21.64 -16.37
C TYR A 188 23.67 -21.94 -17.84
N MET A 189 23.33 -20.98 -18.70
CA MET A 189 23.48 -21.15 -20.14
C MET A 189 24.24 -19.97 -20.75
N PRO A 190 25.51 -20.19 -21.12
CA PRO A 190 26.26 -19.14 -21.79
C PRO A 190 26.03 -19.15 -23.31
N PHE A 191 26.18 -17.98 -23.94
CA PHE A 191 25.94 -17.85 -25.37
C PHE A 191 27.05 -17.10 -26.08
N ASP A 192 27.39 -17.59 -27.27
CA ASP A 192 28.41 -17.04 -28.15
C ASP A 192 27.98 -15.73 -28.80
N ASN A 193 26.67 -15.52 -28.92
CA ASN A 193 26.13 -14.32 -29.55
C ASN A 193 24.71 -14.03 -29.11
N GLU A 194 24.29 -12.78 -29.27
CA GLU A 194 23.01 -12.32 -28.75
C GLU A 194 21.83 -12.94 -29.49
N LYS A 195 21.96 -13.12 -30.80
CA LYS A 195 20.88 -13.73 -31.59
C LYS A 195 20.52 -15.12 -31.08
N GLU A 196 21.54 -15.93 -30.84
CA GLU A 196 21.34 -17.28 -30.30
C GLU A 196 20.71 -17.23 -28.91
N LEU A 197 21.19 -16.31 -28.07
CA LEU A 197 20.64 -16.14 -26.72
C LEU A 197 19.13 -15.88 -26.80
N LEU A 198 18.74 -14.92 -27.63
CA LEU A 198 17.34 -14.51 -27.74
C LEU A 198 16.45 -15.58 -28.37
N MET A 199 16.95 -16.28 -29.38
CA MET A 199 16.19 -17.38 -30.00
C MET A 199 15.93 -18.50 -29.00
N GLU A 200 16.96 -18.85 -28.22
CA GLU A 200 16.82 -19.83 -27.17
C GLU A 200 15.90 -19.36 -26.06
N TYR A 201 15.97 -18.07 -25.70
CA TYR A 201 15.04 -17.51 -24.71
C TYR A 201 13.58 -17.62 -25.17
N LEU A 202 13.33 -17.33 -26.44
CA LEU A 202 11.98 -17.47 -27.00
C LEU A 202 11.50 -18.93 -27.03
N ASN A 203 12.39 -19.86 -27.38
CA ASN A 203 12.06 -21.29 -27.33
C ASN A 203 11.73 -21.77 -25.92
N PHE A 204 12.51 -21.27 -24.96
CA PHE A 204 12.31 -21.56 -23.54
C PHE A 204 10.96 -20.99 -23.09
N TRP A 205 10.68 -19.75 -23.48
CA TRP A 205 9.43 -19.06 -23.16
C TRP A 205 8.24 -19.81 -23.69
N GLN A 206 8.39 -20.33 -24.91
CA GLN A 206 7.35 -21.13 -25.55
C GLN A 206 7.06 -22.39 -24.73
N GLN A 207 8.11 -23.02 -24.21
CA GLN A 207 7.97 -24.23 -23.40
C GLN A 207 7.42 -23.94 -22.01
N LYS A 208 7.78 -22.79 -21.46
CA LYS A 208 7.45 -22.45 -20.08
C LYS A 208 6.84 -21.06 -20.06
N THR A 209 5.66 -20.92 -20.68
CA THR A 209 5.04 -19.61 -20.90
C THR A 209 4.47 -19.09 -19.58
N PRO A 210 4.98 -17.94 -19.12
CA PRO A 210 4.47 -17.34 -17.88
C PRO A 210 2.97 -17.13 -17.94
N VAL A 211 2.29 -17.37 -16.82
CA VAL A 211 0.91 -16.94 -16.64
C VAL A 211 0.96 -15.60 -15.89
N ILE A 212 1.57 -15.60 -14.70
CA ILE A 212 1.87 -14.38 -13.98
C ILE A 212 3.32 -14.03 -14.27
N LEU A 213 3.54 -12.80 -14.74
CA LEU A 213 4.89 -12.34 -15.04
C LEU A 213 5.23 -11.16 -14.16
N THR A 214 6.30 -11.29 -13.39
CA THR A 214 6.67 -10.24 -12.45
C THR A 214 8.19 -10.00 -12.44
N GLY A 215 8.63 -9.13 -11.53
CA GLY A 215 10.02 -8.73 -11.44
C GLY A 215 9.99 -7.28 -10.99
N TRP A 216 11.10 -6.57 -11.15
CA TRP A 216 11.17 -5.18 -10.68
C TRP A 216 11.30 -4.24 -11.85
N ASN A 217 10.29 -3.40 -12.05
CA ASN A 217 10.18 -2.54 -13.23
C ASN A 217 10.07 -3.31 -14.54
N VAL A 218 9.54 -4.53 -14.48
CA VAL A 218 9.41 -5.33 -15.71
C VAL A 218 8.44 -4.73 -16.72
N GLU A 219 7.37 -4.10 -16.24
CA GLU A 219 6.37 -3.53 -17.15
C GLU A 219 6.92 -2.29 -17.87
N SER A 220 7.72 -1.50 -17.17
CA SER A 220 8.24 -0.25 -17.73
C SER A 220 9.60 -0.41 -18.40
N PHE A 221 10.38 -1.41 -18.00
CA PHE A 221 11.69 -1.61 -18.62
C PHE A 221 11.92 -2.96 -19.30
N ALA A 222 11.98 -4.04 -18.51
CA ALA A 222 12.43 -5.34 -19.02
C ALA A 222 11.57 -5.86 -20.18
N ILE A 223 10.26 -5.82 -20.03
CA ILE A 223 9.36 -6.34 -21.07
C ILE A 223 9.44 -5.50 -22.35
N PRO A 224 9.28 -4.17 -22.26
CA PRO A 224 9.44 -3.39 -23.49
C PRO A 224 10.83 -3.49 -24.10
N TYR A 225 11.88 -3.56 -23.27
CA TYR A 225 13.24 -3.71 -23.81
C TYR A 225 13.39 -5.01 -24.62
N VAL A 226 12.98 -6.12 -24.03
CA VAL A 226 13.09 -7.44 -24.66
C VAL A 226 12.27 -7.48 -25.96
N TYR A 227 11.03 -6.99 -25.90
CA TYR A 227 10.15 -6.98 -27.07
C TYR A 227 10.78 -6.17 -28.20
N ASN A 228 11.21 -4.95 -27.88
CA ASN A 228 11.78 -4.05 -28.87
C ASN A 228 13.13 -4.49 -29.43
N ARG A 229 13.94 -5.12 -28.57
CA ARG A 229 15.24 -5.64 -29.02
C ARG A 229 15.07 -6.80 -29.99
N ILE A 230 14.18 -7.74 -29.64
CA ILE A 230 13.85 -8.85 -30.52
C ILE A 230 13.21 -8.32 -31.81
N LYS A 231 12.30 -7.35 -31.68
CA LYS A 231 11.71 -6.70 -32.85
C LYS A 231 12.77 -6.10 -33.77
N ASN A 232 13.76 -5.42 -33.17
CA ASN A 232 14.85 -4.79 -33.93
C ASN A 232 15.76 -5.78 -34.65
N ILE A 233 16.08 -6.89 -33.98
CA ILE A 233 16.97 -7.88 -34.55
C ILE A 233 16.26 -8.81 -35.54
N PHE A 234 15.04 -9.26 -35.19
CA PHE A 234 14.36 -10.33 -35.93
C PHE A 234 13.10 -9.92 -36.68
N GLY A 235 12.51 -8.78 -36.33
CA GLY A 235 11.22 -8.39 -36.90
C GLY A 235 10.09 -8.60 -35.91
N GLU A 236 8.92 -8.04 -36.23
CA GLU A 236 7.75 -8.05 -35.34
C GLU A 236 7.21 -9.43 -34.99
N SER A 237 7.11 -10.32 -35.99
CA SER A 237 6.49 -11.63 -35.79
C SER A 237 7.22 -12.44 -34.72
N THR A 238 8.55 -12.35 -34.72
CA THR A 238 9.35 -13.04 -33.73
C THR A 238 9.13 -12.44 -32.34
N ALA A 239 9.07 -11.11 -32.25
CA ALA A 239 8.86 -10.42 -30.98
C ALA A 239 7.52 -10.79 -30.36
N LYS A 240 6.50 -10.98 -31.21
CA LYS A 240 5.16 -11.32 -30.74
C LYS A 240 5.06 -12.74 -30.16
N ARG A 241 6.12 -13.54 -30.30
CA ARG A 241 6.15 -14.86 -29.66
C ARG A 241 6.20 -14.76 -28.14
N LEU A 242 6.39 -13.56 -27.61
CA LEU A 242 6.29 -13.33 -26.17
C LEU A 242 4.84 -13.46 -25.69
N SER A 243 3.90 -13.40 -26.65
CA SER A 243 2.50 -13.64 -26.37
C SER A 243 2.12 -15.05 -26.83
N PRO A 244 1.44 -15.82 -25.96
CA PRO A 244 1.04 -17.18 -26.37
C PRO A 244 0.03 -17.17 -27.51
N HIS A 245 -0.64 -16.03 -27.73
CA HIS A 245 -1.57 -15.89 -28.83
C HIS A 245 -1.01 -15.05 -29.97
N ARG A 246 0.28 -14.72 -29.87
CA ARG A 246 0.99 -13.92 -30.87
C ARG A 246 0.35 -12.56 -31.11
N LYS A 247 -0.25 -11.99 -30.06
CA LYS A 247 -0.83 -10.66 -30.17
C LYS A 247 -0.25 -9.76 -29.09
N THR A 248 0.20 -8.59 -29.52
CA THR A 248 0.72 -7.59 -28.62
C THR A 248 0.18 -6.23 -29.05
N ARG A 249 0.21 -5.28 -28.11
CA ARG A 249 -0.19 -3.92 -28.41
C ARG A 249 0.70 -2.97 -27.64
N VAL A 250 1.17 -1.91 -28.31
CA VAL A 250 1.78 -0.80 -27.60
C VAL A 250 0.65 -0.09 -26.87
N LYS A 251 0.75 0.02 -25.55
CA LYS A 251 -0.24 0.73 -24.77
C LYS A 251 0.37 2.02 -24.22
N VAL A 252 -0.30 3.13 -24.49
CA VAL A 252 0.15 4.43 -24.02
C VAL A 252 -0.47 4.72 -22.66
N ILE A 253 0.40 4.86 -21.65
CA ILE A 253 -0.03 5.19 -20.31
C ILE A 253 0.11 6.70 -20.13
N GLU A 254 -1.01 7.39 -19.97
CA GLU A 254 -1.03 8.84 -19.83
C GLU A 254 -1.14 9.27 -18.37
N ASN A 255 -0.39 10.30 -18.02
CA ASN A 255 -0.56 10.98 -16.74
C ASN A 255 -0.80 12.47 -16.94
N MET A 256 -0.88 13.19 -15.82
CA MET A 256 -1.15 14.62 -15.82
C MET A 256 -0.16 15.44 -16.67
N TYR A 257 1.10 15.01 -16.72
CA TYR A 257 2.16 15.81 -17.34
C TYR A 257 2.88 15.17 -18.54
N GLY A 258 2.50 13.94 -18.88
CA GLY A 258 3.09 13.25 -20.02
C GLY A 258 2.59 11.83 -20.16
N SER A 259 3.23 11.07 -21.04
CA SER A 259 2.84 9.68 -21.26
C SER A 259 4.05 8.78 -21.50
N ARG A 260 3.84 7.47 -21.33
CA ARG A 260 4.89 6.48 -21.58
C ARG A 260 4.24 5.26 -22.24
N GLU A 261 5.07 4.43 -22.87
CA GLU A 261 4.60 3.23 -23.56
C GLU A 261 4.97 1.96 -22.81
N ILE A 262 4.03 1.02 -22.74
CA ILE A 262 4.30 -0.33 -22.29
C ILE A 262 3.83 -1.29 -23.41
N ILE A 263 4.18 -2.56 -23.28
CA ILE A 263 3.76 -3.55 -24.26
C ILE A 263 2.79 -4.52 -23.61
N THR A 264 1.56 -4.53 -24.11
CA THR A 264 0.58 -5.50 -23.65
C THR A 264 0.85 -6.83 -24.35
N LEU A 265 1.07 -7.87 -23.56
CA LEU A 265 1.25 -9.22 -24.10
C LEU A 265 -0.03 -9.99 -23.87
N PHE A 266 -0.78 -10.22 -24.94
CA PHE A 266 -2.06 -10.92 -24.82
C PHE A 266 -1.80 -12.33 -24.30
N GLY A 267 -2.58 -12.73 -23.30
CA GLY A 267 -2.48 -14.09 -22.75
C GLY A 267 -1.45 -14.22 -21.65
N ILE A 268 -0.90 -13.09 -21.20
CA ILE A 268 -0.02 -13.05 -20.03
C ILE A 268 -0.59 -12.04 -19.04
N SER A 269 -0.43 -12.29 -17.75
CA SER A 269 -0.85 -11.34 -16.72
C SER A 269 0.36 -10.74 -16.04
N VAL A 270 0.71 -9.51 -16.43
CA VAL A 270 1.89 -8.85 -15.88
C VAL A 270 1.50 -8.15 -14.59
N LEU A 271 2.17 -8.54 -13.50
CA LEU A 271 2.04 -7.90 -12.20
C LEU A 271 3.42 -7.42 -11.80
N ASP A 272 3.81 -6.24 -12.26
CA ASP A 272 5.14 -5.71 -11.95
C ASP A 272 5.24 -5.58 -10.43
N TYR A 273 6.27 -6.17 -9.81
CA TYR A 273 6.36 -6.15 -8.35
C TYR A 273 6.49 -4.74 -7.76
N ILE A 274 7.11 -3.81 -8.48
CA ILE A 274 7.17 -2.43 -7.99
C ILE A 274 5.75 -1.86 -7.82
N ASP A 275 4.86 -2.22 -8.75
CA ASP A 275 3.49 -1.72 -8.69
C ASP A 275 2.66 -2.46 -7.66
N LEU A 276 2.87 -3.77 -7.54
CA LEU A 276 2.28 -4.52 -6.42
C LEU A 276 2.68 -3.89 -5.09
N TYR A 277 3.98 -3.61 -4.95
CA TYR A 277 4.51 -3.03 -3.73
C TYR A 277 3.90 -1.66 -3.45
N LYS A 278 3.87 -0.78 -4.45
CA LYS A 278 3.25 0.54 -4.26
C LYS A 278 1.76 0.46 -3.88
N LYS A 279 1.04 -0.51 -4.44
CA LYS A 279 -0.40 -0.61 -4.15
C LYS A 279 -0.69 -1.24 -2.80
N PHE A 280 0.06 -2.29 -2.47
CA PHE A 280 -0.32 -3.19 -1.38
C PHE A 280 0.48 -3.03 -0.10
N SER A 281 1.61 -2.31 -0.15
CA SER A 281 2.52 -2.25 1.02
C SER A 281 2.16 -1.19 2.08
N PHE A 282 1.42 -0.17 1.66
CA PHE A 282 1.13 1.01 2.50
C PHE A 282 2.37 1.60 3.15
N THR A 283 3.38 1.80 2.31
CA THR A 283 4.56 2.55 2.65
C THR A 283 4.64 3.70 1.65
N ASN A 284 5.45 4.70 1.96
CA ASN A 284 5.88 5.65 0.96
C ASN A 284 7.37 5.76 1.13
N GLN A 285 8.12 5.29 0.15
CA GLN A 285 9.56 5.13 0.28
C GLN A 285 10.31 6.27 -0.39
N PRO A 286 11.46 6.67 0.19
CA PRO A 286 12.28 7.72 -0.44
C PRO A 286 12.86 7.27 -1.77
N SER A 287 13.00 5.96 -1.95
CA SER A 287 13.53 5.39 -3.19
C SER A 287 12.88 4.03 -3.45
N TYR A 288 12.66 3.73 -4.73
CA TYR A 288 12.12 2.43 -5.12
C TYR A 288 13.09 1.59 -5.94
N SER A 289 14.39 1.84 -5.76
CA SER A 289 15.41 0.94 -6.29
C SER A 289 15.27 -0.38 -5.55
N LEU A 290 15.57 -1.48 -6.23
CA LEU A 290 15.43 -2.78 -5.60
C LEU A 290 16.36 -2.93 -4.40
N ASP A 291 17.58 -2.38 -4.49
CA ASP A 291 18.49 -2.41 -3.35
C ASP A 291 17.90 -1.71 -2.13
N TYR A 292 17.29 -0.54 -2.36
CA TYR A 292 16.67 0.21 -1.26
C TYR A 292 15.53 -0.58 -0.60
N ILE A 293 14.62 -1.09 -1.41
CA ILE A 293 13.45 -1.81 -0.92
C ILE A 293 13.86 -3.14 -0.28
N SER A 294 14.83 -3.82 -0.88
CA SER A 294 15.37 -5.05 -0.32
C SER A 294 15.97 -4.83 1.06
N GLU A 295 16.72 -3.75 1.22
CA GLU A 295 17.30 -3.39 2.52
CA GLU A 295 17.31 -3.40 2.51
C GLU A 295 16.20 -3.15 3.53
N PHE A 296 15.19 -2.37 3.11
CA PHE A 296 14.07 -2.05 3.98
C PHE A 296 13.27 -3.28 4.42
N GLU A 297 12.98 -4.17 3.47
CA GLU A 297 12.09 -5.31 3.74
C GLU A 297 12.79 -6.48 4.39
N LEU A 298 14.04 -6.71 4.00
CA LEU A 298 14.75 -7.94 4.32
C LEU A 298 15.99 -7.73 5.20
N ASN A 299 16.41 -6.47 5.33
CA ASN A 299 17.63 -6.11 6.06
CA ASN A 299 17.62 -6.11 6.07
C ASN A 299 18.88 -6.75 5.45
N VAL A 300 18.89 -6.87 4.12
CA VAL A 300 20.07 -7.36 3.39
C VAL A 300 20.87 -6.15 2.92
N GLY A 301 22.19 -6.29 2.89
CA GLY A 301 23.06 -5.19 2.49
C GLY A 301 22.97 -4.87 1.01
N LYS A 302 23.28 -3.63 0.65
CA LYS A 302 23.33 -3.19 -0.75
C LYS A 302 24.31 -4.06 -1.54
N LEU A 303 23.95 -4.40 -2.79
CA LEU A 303 24.85 -5.12 -3.68
C LEU A 303 26.00 -4.21 -4.11
N LYS A 304 27.17 -4.45 -3.51
CA LYS A 304 28.32 -3.58 -3.70
C LYS A 304 29.17 -3.97 -4.91
N TYR A 305 29.54 -2.97 -5.70
CA TYR A 305 30.50 -3.12 -6.79
C TYR A 305 31.22 -1.80 -7.04
N ASP A 306 32.39 -1.88 -7.68
CA ASP A 306 33.18 -0.70 -8.03
C ASP A 306 32.86 -0.22 -9.44
N GLY A 307 32.94 1.10 -9.63
CA GLY A 307 32.73 1.71 -10.95
C GLY A 307 31.28 1.75 -11.38
N PRO A 308 31.00 2.41 -12.52
CA PRO A 308 29.62 2.53 -13.01
C PRO A 308 29.08 1.19 -13.51
N ILE A 309 27.76 1.05 -13.51
CA ILE A 309 27.10 -0.17 -13.95
C ILE A 309 27.39 -0.44 -15.44
N SER A 310 27.65 0.64 -16.18
CA SER A 310 27.96 0.56 -17.61
C SER A 310 29.34 -0.06 -17.90
N LYS A 311 30.16 -0.20 -16.86
CA LYS A 311 31.48 -0.82 -17.01
C LYS A 311 31.62 -2.10 -16.18
N LEU A 312 30.54 -2.47 -15.48
CA LEU A 312 30.58 -3.65 -14.60
C LEU A 312 30.79 -4.96 -15.36
N ARG A 313 30.12 -5.12 -16.50
CA ARG A 313 30.28 -6.36 -17.26
C ARG A 313 31.73 -6.58 -17.72
N GLU A 314 32.34 -5.57 -18.30
CA GLU A 314 33.71 -5.72 -18.80
C GLU A 314 34.75 -5.82 -17.69
N SER A 315 34.52 -5.13 -16.58
CA SER A 315 35.47 -5.15 -15.46
C SER A 315 35.30 -6.36 -14.55
N ASN A 316 34.04 -6.77 -14.34
CA ASN A 316 33.73 -7.86 -13.41
C ASN A 316 32.46 -8.61 -13.80
N HIS A 317 32.53 -9.32 -14.92
CA HIS A 317 31.42 -10.12 -15.44
C HIS A 317 30.89 -11.14 -14.45
N GLN A 318 31.81 -11.72 -13.67
CA GLN A 318 31.46 -12.63 -12.59
C GLN A 318 30.42 -12.02 -11.65
N ARG A 319 30.73 -10.84 -11.10
CA ARG A 319 29.83 -10.13 -10.19
C ARG A 319 28.57 -9.67 -10.92
N TYR A 320 28.74 -9.24 -12.17
CA TYR A 320 27.63 -8.78 -13.02
C TYR A 320 26.51 -9.82 -13.11
N ILE A 321 26.87 -11.06 -13.42
CA ILE A 321 25.90 -12.15 -13.52
C ILE A 321 25.35 -12.53 -12.14
N SER A 322 26.23 -12.65 -11.14
CA SER A 322 25.78 -12.98 -9.79
C SER A 322 24.75 -11.96 -9.27
N TYR A 323 24.99 -10.68 -9.54
CA TYR A 323 24.08 -9.65 -9.08
C TYR A 323 22.73 -9.67 -9.82
N ASN A 324 22.75 -10.02 -11.11
CA ASN A 324 21.52 -10.27 -11.87
C ASN A 324 20.68 -11.41 -11.26
N ILE A 325 21.34 -12.50 -10.89
CA ILE A 325 20.66 -13.63 -10.23
C ILE A 325 20.10 -13.21 -8.88
N ILE A 326 20.92 -12.53 -8.08
CA ILE A 326 20.48 -12.11 -6.74
C ILE A 326 19.28 -11.16 -6.80
N ALA A 327 19.28 -10.27 -7.78
CA ALA A 327 18.15 -9.34 -7.99
C ALA A 327 16.83 -10.07 -8.20
N VAL A 328 16.85 -11.17 -8.96
CA VAL A 328 15.65 -11.98 -9.16
C VAL A 328 15.23 -12.60 -7.84
N TYR A 329 16.20 -13.16 -7.12
CA TYR A 329 15.93 -13.79 -5.82
C TYR A 329 15.36 -12.80 -4.79
N ARG A 330 15.90 -11.57 -4.78
CA ARG A 330 15.41 -10.60 -3.80
CA ARG A 330 15.43 -10.53 -3.84
C ARG A 330 13.91 -10.33 -3.95
N VAL A 331 13.42 -10.28 -5.18
CA VAL A 331 11.98 -10.10 -5.38
C VAL A 331 11.18 -11.29 -4.84
N LEU A 332 11.71 -12.50 -5.05
CA LEU A 332 11.09 -13.71 -4.48
C LEU A 332 11.07 -13.67 -2.96
N GLN A 333 12.16 -13.17 -2.37
CA GLN A 333 12.25 -13.03 -0.92
C GLN A 333 11.25 -12.00 -0.38
N ILE A 334 11.14 -10.85 -1.05
CA ILE A 334 10.15 -9.85 -0.68
C ILE A 334 8.75 -10.46 -0.77
N ASP A 335 8.48 -11.25 -1.80
CA ASP A 335 7.16 -11.87 -1.94
C ASP A 335 6.87 -12.96 -0.89
N ALA A 336 7.90 -13.72 -0.52
CA ALA A 336 7.75 -14.72 0.55
C ALA A 336 7.29 -14.03 1.84
N LYS A 337 7.81 -12.83 2.08
CA LYS A 337 7.41 -12.02 3.25
C LYS A 337 6.02 -11.37 3.08
N ARG A 338 5.87 -10.58 2.02
CA ARG A 338 4.69 -9.71 1.85
C ARG A 338 3.48 -10.44 1.27
N GLN A 339 3.74 -11.44 0.42
CA GLN A 339 2.69 -12.32 -0.13
C GLN A 339 1.68 -11.58 -1.02
N PHE A 340 2.19 -10.65 -1.82
CA PHE A 340 1.36 -9.86 -2.72
C PHE A 340 0.86 -10.66 -3.93
N ILE A 341 1.65 -11.62 -4.41
CA ILE A 341 1.19 -12.46 -5.52
C ILE A 341 0.01 -13.31 -5.07
N ASN A 342 0.14 -13.94 -3.89
CA ASN A 342 -0.95 -14.67 -3.26
C ASN A 342 -2.22 -13.83 -3.13
N LEU A 343 -2.06 -12.60 -2.64
CA LEU A 343 -3.17 -11.65 -2.53
C LEU A 343 -3.84 -11.38 -3.88
N SER A 344 -3.04 -11.13 -4.91
CA SER A 344 -3.56 -10.81 -6.24
C SER A 344 -4.36 -11.98 -6.80
N LEU A 345 -3.82 -13.19 -6.66
CA LEU A 345 -4.52 -14.41 -7.09
C LEU A 345 -5.85 -14.56 -6.35
N ASP A 346 -5.82 -14.46 -5.02
CA ASP A 346 -7.03 -14.50 -4.17
C ASP A 346 -8.12 -13.54 -4.69
N MET A 347 -7.78 -12.25 -4.80
CA MET A 347 -8.74 -11.21 -5.19
C MET A 347 -9.23 -11.37 -6.62
N GLY A 348 -8.30 -11.68 -7.53
CA GLY A 348 -8.62 -11.83 -8.94
C GLY A 348 -9.59 -12.98 -9.19
N TYR A 349 -9.32 -14.13 -8.57
CA TYR A 349 -10.18 -15.29 -8.74
C TYR A 349 -11.52 -15.10 -8.03
N TYR A 350 -11.50 -14.40 -6.90
CA TYR A 350 -12.73 -14.06 -6.21
C TYR A 350 -13.66 -13.21 -7.08
N ALA A 351 -13.11 -12.19 -7.74
CA ALA A 351 -13.89 -11.29 -8.59
C ALA A 351 -14.24 -11.89 -9.96
N LYS A 352 -13.46 -12.88 -10.38
CA LYS A 352 -13.52 -13.47 -11.73
C LYS A 352 -13.09 -12.44 -12.79
N ILE A 353 -11.89 -11.90 -12.60
CA ILE A 353 -11.32 -10.91 -13.51
C ILE A 353 -9.96 -11.40 -14.00
N GLN A 354 -9.42 -10.75 -15.03
CA GLN A 354 -8.01 -10.93 -15.37
C GLN A 354 -7.23 -10.58 -14.11
N ILE A 355 -6.24 -11.39 -13.75
CA ILE A 355 -5.53 -11.16 -12.48
C ILE A 355 -4.97 -9.72 -12.40
N GLN A 356 -4.44 -9.20 -13.52
CA GLN A 356 -3.86 -7.86 -13.52
C GLN A 356 -4.89 -6.76 -13.19
N SER A 357 -6.17 -7.09 -13.28
CA SER A 357 -7.22 -6.12 -12.95
C SER A 357 -7.34 -5.83 -11.46
N VAL A 358 -6.64 -6.59 -10.61
CA VAL A 358 -6.64 -6.28 -9.17
C VAL A 358 -6.12 -4.87 -8.87
N PHE A 359 -5.38 -4.28 -9.81
CA PHE A 359 -4.93 -2.89 -9.68
C PHE A 359 -6.08 -1.90 -9.76
N SER A 360 -7.23 -2.32 -10.28
CA SER A 360 -8.38 -1.45 -10.45
C SER A 360 -9.54 -1.85 -9.56
N PRO A 361 -9.78 -1.10 -8.48
CA PRO A 361 -10.95 -1.37 -7.63
C PRO A 361 -12.26 -1.26 -8.40
N ILE A 362 -12.32 -0.35 -9.37
CA ILE A 362 -13.54 -0.20 -10.21
C ILE A 362 -13.84 -1.47 -11.01
N LYS A 363 -12.82 -2.01 -11.68
CA LYS A 363 -12.98 -3.25 -12.44
C LYS A 363 -13.29 -4.43 -11.52
N THR A 364 -12.63 -4.45 -10.36
CA THR A 364 -12.81 -5.54 -9.41
C THR A 364 -14.25 -5.58 -8.91
N TRP A 365 -14.77 -4.43 -8.49
CA TRP A 365 -16.14 -4.35 -8.01
C TRP A 365 -17.18 -4.52 -9.09
N ASP A 366 -16.90 -4.00 -10.28
CA ASP A 366 -17.80 -4.19 -11.42
C ASP A 366 -18.06 -5.66 -11.64
N ALA A 367 -16.99 -6.46 -11.63
CA ALA A 367 -17.11 -7.90 -11.84
C ALA A 367 -17.80 -8.63 -10.69
N ILE A 368 -17.48 -8.27 -9.44
CA ILE A 368 -18.11 -8.89 -8.27
C ILE A 368 -19.62 -8.66 -8.30
N ILE A 369 -20.02 -7.41 -8.50
CA ILE A 369 -21.43 -7.02 -8.54
C ILE A 369 -22.16 -7.67 -9.73
N PHE A 370 -21.52 -7.65 -10.90
CA PHE A 370 -22.08 -8.31 -12.10
C PHE A 370 -22.35 -9.78 -11.85
N ASN A 371 -21.35 -10.49 -11.35
CA ASN A 371 -21.52 -11.92 -11.06
C ASN A 371 -22.62 -12.18 -10.05
N SER A 372 -22.69 -11.33 -9.02
CA SER A 372 -23.71 -11.45 -7.98
C SER A 372 -25.13 -11.25 -8.55
N LEU A 373 -25.31 -10.21 -9.35
CA LEU A 373 -26.60 -9.91 -9.96
C LEU A 373 -27.02 -10.98 -10.96
N LYS A 374 -26.05 -11.44 -11.76
CA LYS A 374 -26.30 -12.48 -12.76
C LYS A 374 -26.90 -13.75 -12.14
N GLU A 375 -26.45 -14.09 -10.93
CA GLU A 375 -27.01 -15.23 -10.19
C GLU A 375 -28.52 -15.16 -10.01
N GLN A 376 -29.05 -13.95 -9.98
CA GLN A 376 -30.48 -13.73 -9.75
C GLN A 376 -31.20 -13.36 -11.06
N ASN A 377 -30.55 -13.61 -12.19
CA ASN A 377 -31.04 -13.19 -13.52
C ASN A 377 -31.29 -11.68 -13.62
N LYS A 378 -30.58 -10.91 -12.81
CA LYS A 378 -30.67 -9.47 -12.89
C LYS A 378 -29.65 -8.92 -13.89
N VAL A 379 -29.94 -7.74 -14.40
CA VAL A 379 -29.22 -7.18 -15.53
C VAL A 379 -28.62 -5.84 -15.13
N ILE A 380 -27.30 -5.72 -15.33
CA ILE A 380 -26.58 -4.52 -14.88
C ILE A 380 -26.88 -3.32 -15.79
N PRO A 381 -26.89 -2.10 -15.23
CA PRO A 381 -27.14 -0.92 -16.05
C PRO A 381 -25.95 -0.60 -16.95
N GLN A 382 -26.18 0.17 -18.01
CA GLN A 382 -25.08 0.65 -18.83
C GLN A 382 -24.30 1.73 -18.08
N GLY A 383 -22.98 1.72 -18.23
CA GLY A 383 -22.14 2.81 -17.74
C GLY A 383 -22.45 4.10 -18.48
N ARG A 384 -22.43 5.21 -17.76
CA ARG A 384 -22.74 6.53 -18.33
C ARG A 384 -21.61 7.52 -18.08
N SER A 385 -21.59 8.58 -18.89
CA SER A 385 -20.64 9.68 -18.70
C SER A 385 -21.16 10.59 -17.58
N HIS A 386 -20.25 11.07 -16.73
CA HIS A 386 -20.59 12.05 -15.69
C HIS A 386 -19.48 13.07 -15.59
N PRO A 387 -19.83 14.35 -15.36
CA PRO A 387 -18.79 15.34 -15.10
C PRO A 387 -18.18 15.15 -13.71
N VAL A 388 -16.87 15.32 -13.58
CA VAL A 388 -16.20 15.22 -12.29
C VAL A 388 -16.68 16.36 -11.39
N GLN A 389 -17.16 16.01 -10.20
CA GLN A 389 -17.68 16.98 -9.23
C GLN A 389 -17.11 16.69 -7.85
N PRO A 390 -16.57 17.73 -7.17
CA PRO A 390 -16.11 17.55 -5.79
C PRO A 390 -17.25 17.18 -4.86
N TYR A 391 -16.97 16.42 -3.81
CA TYR A 391 -17.99 16.13 -2.80
C TYR A 391 -17.38 16.03 -1.40
N PRO A 392 -18.19 16.27 -0.35
CA PRO A 392 -17.64 16.33 1.02
C PRO A 392 -17.28 14.97 1.61
N GLY A 393 -16.28 14.99 2.50
CA GLY A 393 -15.76 13.77 3.09
C GLY A 393 -15.96 13.75 4.59
N ALA A 394 -14.90 13.41 5.31
CA ALA A 394 -14.99 13.18 6.76
C ALA A 394 -14.93 14.47 7.56
N PHE A 395 -15.33 14.37 8.83
CA PHE A 395 -15.14 15.44 9.80
C PHE A 395 -13.88 15.18 10.62
N VAL A 396 -13.09 16.22 10.84
CA VAL A 396 -11.89 16.16 11.68
C VAL A 396 -12.01 17.28 12.73
N LYS A 397 -11.96 16.91 14.02
CA LYS A 397 -12.07 17.89 15.10
C LYS A 397 -10.79 18.70 15.25
N GLU A 398 -10.91 20.00 15.47
CA GLU A 398 -9.74 20.85 15.74
C GLU A 398 -9.31 20.67 17.19
N PRO A 399 -8.11 20.08 17.43
CA PRO A 399 -7.70 19.89 18.82
C PRO A 399 -7.08 21.15 19.41
N ILE A 400 -7.22 21.32 20.71
CA ILE A 400 -6.46 22.35 21.42
C ILE A 400 -5.01 21.84 21.54
N PRO A 401 -4.05 22.54 20.93
CA PRO A 401 -2.66 22.07 21.01
C PRO A 401 -2.21 22.04 22.47
N ASN A 402 -1.71 20.90 22.91
CA ASN A 402 -1.36 20.73 24.32
C ASN A 402 -0.71 19.39 24.53
N ARG A 403 -0.08 19.22 25.69
CA ARG A 403 0.21 17.89 26.19
C ARG A 403 -1.09 17.29 26.69
N TYR A 404 -1.20 15.96 26.56
CA TYR A 404 -2.34 15.22 27.09
C TYR A 404 -1.77 13.99 27.78
N LYS A 405 -1.93 13.92 29.09
CA LYS A 405 -1.22 12.92 29.90
C LYS A 405 -1.75 11.48 29.73
N TYR A 406 -3.01 11.25 30.08
CA TYR A 406 -3.66 9.95 29.94
C TYR A 406 -4.70 10.02 28.84
N VAL A 407 -4.63 9.11 27.89
CA VAL A 407 -5.52 9.12 26.74
C VAL A 407 -6.00 7.72 26.41
N MET A 408 -7.31 7.58 26.24
CA MET A 408 -7.88 6.38 25.68
C MET A 408 -8.60 6.71 24.40
N SER A 409 -8.32 5.95 23.35
CA SER A 409 -8.96 6.16 22.06
C SER A 409 -9.97 5.07 21.73
N PHE A 410 -10.94 5.43 20.91
CA PHE A 410 -11.98 4.51 20.45
C PHE A 410 -12.17 4.73 18.95
N ASP A 411 -12.48 3.65 18.25
CA ASP A 411 -12.54 3.69 16.80
C ASP A 411 -13.67 2.78 16.29
N LEU A 412 -14.40 3.22 15.27
CA LEU A 412 -15.47 2.41 14.67
C LEU A 412 -14.89 1.34 13.74
N THR A 413 -15.40 0.12 13.84
CA THR A 413 -14.95 -0.97 12.98
C THR A 413 -15.37 -0.71 11.54
N SER A 414 -14.40 -0.83 10.62
CA SER A 414 -14.65 -0.71 9.18
C SER A 414 -15.79 0.28 8.89
N LEU A 415 -15.55 1.56 9.17
CA LEU A 415 -16.66 2.52 9.18
C LEU A 415 -17.48 2.63 7.90
N TYR A 416 -16.84 2.97 6.78
CA TYR A 416 -17.62 3.23 5.57
C TYR A 416 -18.39 1.99 5.10
N PRO A 417 -17.75 0.80 5.12
CA PRO A 417 -18.54 -0.39 4.79
C PRO A 417 -19.66 -0.69 5.79
N SER A 418 -19.42 -0.42 7.07
CA SER A 418 -20.46 -0.58 8.09
C SER A 418 -21.63 0.38 7.88
N ILE A 419 -21.34 1.60 7.43
CA ILE A 419 -22.38 2.58 7.11
C ILE A 419 -23.24 2.09 5.94
N ILE A 420 -22.57 1.62 4.89
CA ILE A 420 -23.24 1.06 3.71
C ILE A 420 -24.22 -0.05 4.15
N ARG A 421 -23.74 -0.95 5.01
CA ARG A 421 -24.54 -2.07 5.46
C ARG A 421 -25.67 -1.63 6.39
N GLN A 422 -25.36 -0.72 7.32
CA GLN A 422 -26.35 -0.25 8.31
C GLN A 422 -27.50 0.52 7.64
N VAL A 423 -27.13 1.45 6.76
CA VAL A 423 -28.11 2.31 6.09
C VAL A 423 -28.77 1.59 4.91
N ASN A 424 -28.06 0.60 4.36
CA ASN A 424 -28.48 -0.18 3.17
C ASN A 424 -28.32 0.63 1.88
N ILE A 425 -27.13 1.20 1.70
CA ILE A 425 -26.83 2.09 0.59
C ILE A 425 -26.39 1.30 -0.64
N SER A 426 -27.15 1.44 -1.72
CA SER A 426 -26.94 0.67 -2.95
C SER A 426 -27.66 1.42 -4.09
N PRO A 427 -27.21 1.23 -5.36
CA PRO A 427 -27.95 1.89 -6.43
C PRO A 427 -29.44 1.57 -6.43
N GLU A 428 -29.80 0.31 -6.17
CA GLU A 428 -31.19 -0.14 -6.34
C GLU A 428 -32.05 -0.05 -5.08
N THR A 429 -31.47 0.46 -3.99
CA THR A 429 -32.23 0.58 -2.74
C THR A 429 -32.64 2.01 -2.42
N ILE A 430 -32.36 2.95 -3.32
CA ILE A 430 -32.81 4.33 -3.13
C ILE A 430 -34.34 4.39 -3.11
N ALA A 431 -34.88 4.96 -2.03
CA ALA A 431 -36.32 5.02 -1.81
C ALA A 431 -36.86 6.41 -2.02
N GLY A 432 -35.99 7.41 -1.95
CA GLY A 432 -36.41 8.79 -2.10
C GLY A 432 -35.57 9.72 -1.24
N THR A 433 -36.11 10.89 -0.95
CA THR A 433 -35.37 11.89 -0.19
C THR A 433 -36.25 12.46 0.90
N PHE A 434 -35.63 13.07 1.91
CA PHE A 434 -36.36 13.85 2.92
C PHE A 434 -35.73 15.22 3.04
N LYS A 435 -36.48 16.14 3.65
CA LYS A 435 -36.04 17.51 3.82
C LYS A 435 -34.99 17.62 4.91
N VAL A 436 -33.77 18.01 4.52
CA VAL A 436 -32.63 18.00 5.45
C VAL A 436 -32.60 19.21 6.37
N ALA A 437 -32.23 18.97 7.62
CA ALA A 437 -31.89 20.02 8.56
C ALA A 437 -30.37 20.18 8.55
N PRO A 438 -29.85 21.30 9.12
CA PRO A 438 -28.40 21.38 9.29
C PRO A 438 -27.87 20.17 10.06
N LEU A 439 -26.68 19.71 9.70
CA LEU A 439 -26.08 18.53 10.32
C LEU A 439 -26.05 18.59 11.85
N HIS A 440 -25.76 19.77 12.39
CA HIS A 440 -25.71 19.94 13.83
CA HIS A 440 -25.74 20.06 13.83
C HIS A 440 -27.02 19.65 14.51
N ASP A 441 -28.13 19.83 13.80
CA ASP A 441 -29.44 19.49 14.35
C ASP A 441 -29.62 17.98 14.51
N TYR A 442 -29.05 17.18 13.61
CA TYR A 442 -29.07 15.72 13.76
C TYR A 442 -28.09 15.30 14.86
N ILE A 443 -26.89 15.90 14.84
CA ILE A 443 -25.87 15.59 15.84
C ILE A 443 -26.44 15.78 17.25
N ASN A 444 -27.22 16.85 17.43
CA ASN A 444 -27.78 17.16 18.74
C ASN A 444 -29.18 16.60 18.95
N ALA A 445 -29.61 15.74 18.02
CA ALA A 445 -30.91 15.05 18.12
C ALA A 445 -32.09 15.99 18.30
N VAL A 446 -32.06 17.15 17.65
CA VAL A 446 -33.17 18.10 17.71
C VAL A 446 -33.94 18.20 16.39
N ALA A 447 -33.36 17.69 15.31
CA ALA A 447 -34.05 17.66 14.04
C ALA A 447 -35.18 16.63 14.08
N GLU A 448 -36.21 16.89 13.28
CA GLU A 448 -37.30 15.94 13.05
C GLU A 448 -36.73 14.61 12.58
N ARG A 449 -37.32 13.52 13.05
CA ARG A 449 -36.92 12.19 12.59
C ARG A 449 -37.16 12.09 11.09
N PRO A 450 -36.12 11.75 10.30
CA PRO A 450 -36.20 11.78 8.84
C PRO A 450 -37.33 10.93 8.25
N SER A 451 -37.51 9.70 8.74
CA SER A 451 -38.51 8.79 8.18
C SER A 451 -38.99 7.77 9.18
N ASP A 452 -40.26 7.39 9.04
CA ASP A 452 -40.84 6.27 9.77
C ASP A 452 -40.99 5.03 8.91
N VAL A 453 -40.42 5.06 7.71
CA VAL A 453 -40.59 3.96 6.77
C VAL A 453 -39.24 3.46 6.27
N TYR A 454 -38.36 4.40 5.93
CA TYR A 454 -37.11 4.09 5.26
C TYR A 454 -35.89 4.37 6.13
N SER A 455 -34.76 3.80 5.73
CA SER A 455 -33.49 3.96 6.43
C SER A 455 -32.75 5.16 5.85
N CYS A 456 -32.27 6.04 6.72
CA CYS A 456 -31.82 7.36 6.30
C CYS A 456 -30.38 7.74 6.61
N SER A 457 -29.85 8.64 5.77
CA SER A 457 -28.59 9.32 6.02
C SER A 457 -28.90 10.81 6.10
N PRO A 458 -28.20 11.56 6.97
CA PRO A 458 -28.43 12.99 7.15
C PRO A 458 -28.10 13.88 5.93
N ASN A 459 -27.68 13.27 4.81
CA ASN A 459 -27.57 14.03 3.55
C ASN A 459 -28.92 14.16 2.83
N GLY A 460 -29.97 13.53 3.37
CA GLY A 460 -31.30 13.58 2.77
C GLY A 460 -31.79 12.33 2.06
N MET A 461 -30.95 11.30 2.00
CA MET A 461 -31.30 10.11 1.27
C MET A 461 -32.03 9.10 2.13
N MET A 462 -33.00 8.42 1.52
CA MET A 462 -33.72 7.32 2.16
C MET A 462 -33.55 6.04 1.36
N TYR A 463 -33.56 4.91 2.06
CA TYR A 463 -33.28 3.61 1.47
C TYR A 463 -34.28 2.54 1.92
N TYR A 464 -34.55 1.59 1.04
CA TYR A 464 -35.45 0.48 1.38
C TYR A 464 -34.93 -0.34 2.55
N LYS A 465 -35.85 -0.87 3.35
CA LYS A 465 -35.52 -1.71 4.48
C LYS A 465 -35.95 -3.17 4.31
N ASP A 466 -36.62 -3.48 3.21
CA ASP A 466 -37.20 -4.83 3.05
C ASP A 466 -36.17 -5.88 2.64
N ARG A 467 -35.10 -5.45 1.98
CA ARG A 467 -34.09 -6.37 1.45
C ARG A 467 -32.75 -5.65 1.29
N ASP A 468 -31.66 -6.39 1.47
CA ASP A 468 -30.31 -5.84 1.31
C ASP A 468 -30.04 -5.53 -0.15
N GLY A 469 -29.42 -4.38 -0.38
CA GLY A 469 -28.90 -4.04 -1.71
C GLY A 469 -27.72 -4.92 -2.07
N VAL A 470 -27.40 -4.97 -3.37
CA VAL A 470 -26.26 -5.77 -3.83
C VAL A 470 -24.93 -5.23 -3.28
N VAL A 471 -24.83 -3.91 -3.14
CA VAL A 471 -23.60 -3.33 -2.59
C VAL A 471 -23.41 -3.74 -1.12
N PRO A 472 -24.44 -3.57 -0.26
CA PRO A 472 -24.30 -4.14 1.07
C PRO A 472 -24.03 -5.67 1.10
N THR A 473 -24.72 -6.45 0.27
CA THR A 473 -24.52 -7.91 0.27
C THR A 473 -23.07 -8.29 -0.06
N GLU A 474 -22.52 -7.69 -1.11
CA GLU A 474 -21.18 -8.02 -1.56
C GLU A 474 -20.08 -7.42 -0.70
N ILE A 475 -20.31 -6.21 -0.18
CA ILE A 475 -19.31 -5.61 0.73
C ILE A 475 -19.18 -6.42 2.03
N THR A 476 -20.29 -7.03 2.46
CA THR A 476 -20.31 -7.81 3.70
C THR A 476 -19.43 -9.06 3.56
N LYS A 477 -19.50 -9.71 2.39
CA LYS A 477 -18.71 -10.91 2.13
C LYS A 477 -17.21 -10.63 2.27
N VAL A 478 -16.75 -9.55 1.65
CA VAL A 478 -15.32 -9.21 1.71
C VAL A 478 -14.94 -8.71 3.11
N PHE A 479 -15.83 -7.93 3.75
CA PHE A 479 -15.61 -7.54 5.14
C PHE A 479 -15.41 -8.76 6.06
N ASN A 480 -16.22 -9.79 5.88
CA ASN A 480 -16.07 -11.02 6.68
C ASN A 480 -14.72 -11.70 6.45
N GLN A 481 -14.25 -11.72 5.21
CA GLN A 481 -12.89 -12.23 4.93
C GLN A 481 -11.83 -11.40 5.63
N ARG A 482 -11.94 -10.08 5.51
CA ARG A 482 -11.03 -9.14 6.16
C ARG A 482 -10.94 -9.38 7.66
N LYS A 483 -12.10 -9.58 8.28
CA LYS A 483 -12.18 -9.79 9.72
C LYS A 483 -11.42 -11.05 10.16
N GLU A 484 -11.55 -12.12 9.39
CA GLU A 484 -10.83 -13.38 9.67
C GLU A 484 -9.30 -13.17 9.66
N HIS A 485 -8.81 -12.52 8.61
CA HIS A 485 -7.38 -12.27 8.50
C HIS A 485 -6.85 -11.31 9.53
N LYS A 486 -7.64 -10.29 9.88
CA LYS A 486 -7.22 -9.37 10.95
C LYS A 486 -7.09 -10.11 12.29
N GLY A 487 -8.00 -11.05 12.55
CA GLY A 487 -7.90 -11.95 13.71
C GLY A 487 -6.56 -12.68 13.79
N TYR A 488 -6.13 -13.25 12.66
CA TYR A 488 -4.85 -13.96 12.60
C TYR A 488 -3.69 -12.99 12.82
N MET A 489 -3.81 -11.78 12.26
CA MET A 489 -2.77 -10.75 12.38
C MET A 489 -2.55 -10.35 13.82
N LEU A 490 -3.65 -10.07 14.53
CA LEU A 490 -3.59 -9.65 15.93
C LEU A 490 -3.14 -10.77 16.86
N ALA A 491 -3.53 -12.01 16.59
CA ALA A 491 -3.04 -13.15 17.37
C ALA A 491 -1.53 -13.27 17.25
N ALA A 492 -1.01 -13.13 16.03
CA ALA A 492 0.43 -13.20 15.78
C ALA A 492 1.17 -12.09 16.49
N GLN A 493 0.56 -10.91 16.50
CA GLN A 493 1.08 -9.76 17.22
C GLN A 493 1.15 -10.03 18.73
N ARG A 494 0.06 -10.55 19.31
CA ARG A 494 0.03 -10.87 20.74
C ARG A 494 1.05 -11.96 21.06
N ASN A 495 1.14 -12.96 20.20
CA ASN A 495 2.11 -14.04 20.34
C ASN A 495 3.55 -13.51 20.32
N GLY A 496 3.80 -12.54 19.44
CA GLY A 496 5.09 -11.84 19.38
C GLY A 496 5.46 -11.23 20.72
N GLU A 497 4.50 -10.58 21.38
CA GLU A 497 4.76 -9.95 22.68
C GLU A 497 5.07 -10.96 23.79
N ILE A 498 4.45 -12.13 23.74
CA ILE A 498 4.76 -13.21 24.68
C ILE A 498 6.25 -13.61 24.55
N ILE A 499 6.68 -13.77 23.31
CA ILE A 499 8.07 -14.12 23.02
C ILE A 499 9.05 -13.03 23.45
N LYS A 500 8.71 -11.78 23.17
CA LYS A 500 9.51 -10.64 23.63
C LYS A 500 9.67 -10.65 25.16
N GLU A 501 8.59 -10.95 25.89
CA GLU A 501 8.65 -11.01 27.35
C GLU A 501 9.57 -12.13 27.81
N ALA A 502 9.47 -13.28 27.15
CA ALA A 502 10.29 -14.44 27.49
C ALA A 502 11.77 -14.18 27.23
N LEU A 503 12.06 -13.38 26.21
CA LEU A 503 13.42 -13.03 25.87
C LEU A 503 14.18 -12.25 26.95
N HIS A 504 13.45 -11.71 27.94
CA HIS A 504 14.10 -11.09 29.10
C HIS A 504 14.87 -12.10 29.90
N ASN A 505 14.40 -13.36 29.85
CA ASN A 505 15.01 -14.45 30.61
C ASN A 505 15.27 -15.71 29.79
N PRO A 506 16.20 -15.62 28.81
CA PRO A 506 16.45 -16.79 27.97
C PRO A 506 17.19 -17.88 28.74
N ASN A 507 16.90 -19.13 28.43
CA ASN A 507 17.57 -20.25 29.11
C ASN A 507 18.88 -20.62 28.45
N LEU A 508 19.83 -21.04 29.28
CA LEU A 508 21.13 -21.48 28.79
C LEU A 508 21.06 -22.95 28.42
N SER A 509 20.64 -23.20 27.18
CA SER A 509 20.48 -24.56 26.67
C SER A 509 20.53 -24.58 25.15
N VAL A 510 20.64 -25.77 24.58
CA VAL A 510 20.55 -25.95 23.14
C VAL A 510 19.23 -26.67 22.86
N ASP A 511 18.38 -26.02 22.06
CA ASP A 511 17.03 -26.50 21.78
C ASP A 511 16.52 -26.04 20.40
N GLU A 512 15.25 -26.27 20.14
CA GLU A 512 14.62 -25.92 18.87
C GLU A 512 13.45 -24.94 19.07
N PRO A 513 13.16 -24.12 18.05
CA PRO A 513 11.91 -23.37 18.08
C PRO A 513 10.73 -24.34 18.02
N LEU A 514 9.66 -24.02 18.73
CA LEU A 514 8.46 -24.85 18.79
C LEU A 514 7.68 -24.80 17.48
N ASP A 515 7.17 -25.94 17.04
CA ASP A 515 6.33 -26.01 15.85
C ASP A 515 4.91 -25.57 16.19
N VAL A 516 4.60 -24.30 15.93
CA VAL A 516 3.33 -23.71 16.34
C VAL A 516 2.68 -22.92 15.19
N ASP A 517 1.36 -22.75 15.27
CA ASP A 517 0.64 -21.88 14.33
C ASP A 517 0.45 -20.52 14.98
N TYR A 518 1.21 -19.54 14.49
CA TYR A 518 1.26 -18.20 15.10
C TYR A 518 -0.02 -17.38 14.88
N ARG A 519 -0.93 -17.90 14.05
CA ARG A 519 -2.20 -17.23 13.79
C ARG A 519 -3.20 -17.40 14.93
N PHE A 520 -2.87 -18.25 15.91
CA PHE A 520 -3.75 -18.52 17.04
C PHE A 520 -3.02 -18.25 18.36
N ASP A 521 -3.72 -17.61 19.30
CA ASP A 521 -3.11 -17.27 20.60
C ASP A 521 -2.50 -18.52 21.23
N PHE A 522 -1.27 -18.38 21.71
CA PHE A 522 -0.54 -19.50 22.30
C PHE A 522 -1.30 -20.08 23.49
N SER A 523 -1.41 -21.40 23.52
CA SER A 523 -1.99 -22.11 24.65
C SER A 523 -1.10 -21.97 25.89
N ASP A 524 -1.63 -22.35 27.05
CA ASP A 524 -0.84 -22.40 28.27
C ASP A 524 0.39 -23.32 28.15
N GLU A 525 0.22 -24.47 27.50
CA GLU A 525 1.32 -25.42 27.29
C GLU A 525 2.47 -24.79 26.49
N ILE A 526 2.12 -24.13 25.38
CA ILE A 526 3.10 -23.44 24.56
C ILE A 526 3.81 -22.33 25.36
N LYS A 527 3.04 -21.58 26.15
CA LYS A 527 3.61 -20.52 26.98
C LYS A 527 4.62 -21.05 27.99
N GLU A 528 4.31 -22.21 28.60
CA GLU A 528 5.23 -22.83 29.56
C GLU A 528 6.54 -23.26 28.90
N LYS A 529 6.44 -23.83 27.70
CA LYS A 529 7.62 -24.27 26.95
C LYS A 529 8.50 -23.10 26.51
N ILE A 530 7.86 -22.01 26.08
CA ILE A 530 8.55 -20.80 25.66
C ILE A 530 9.44 -20.24 26.78
N LYS A 531 8.93 -20.27 28.01
CA LYS A 531 9.66 -19.81 29.19
C LYS A 531 10.92 -20.64 29.49
N LYS A 532 11.04 -21.79 28.82
CA LYS A 532 12.19 -22.66 29.01
C LYS A 532 13.17 -22.65 27.83
N LEU A 533 12.85 -21.90 26.78
CA LEU A 533 13.65 -21.91 25.55
C LEU A 533 14.86 -20.97 25.58
N SER A 534 15.88 -21.32 24.79
CA SER A 534 17.07 -20.49 24.59
C SER A 534 16.73 -19.22 23.82
N ALA A 535 17.64 -18.24 23.90
CA ALA A 535 17.53 -16.99 23.13
C ALA A 535 17.51 -17.26 21.62
N LYS A 536 18.33 -18.21 21.18
CA LYS A 536 18.38 -18.61 19.77
C LYS A 536 17.01 -19.05 19.26
N SER A 537 16.38 -19.99 19.97
CA SER A 537 15.05 -20.49 19.60
C SER A 537 13.97 -19.42 19.72
N LEU A 538 14.05 -18.60 20.78
CA LEU A 538 13.10 -17.51 20.99
C LEU A 538 13.13 -16.47 19.86
N ASN A 539 14.34 -16.07 19.48
CA ASN A 539 14.50 -15.12 18.37
C ASN A 539 14.01 -15.68 17.04
N GLU A 540 14.17 -16.99 16.84
CA GLU A 540 13.66 -17.62 15.62
C GLU A 540 12.14 -17.64 15.64
N MET A 541 11.56 -17.95 16.81
CA MET A 541 10.11 -17.89 16.98
C MET A 541 9.56 -16.48 16.80
N LEU A 542 10.30 -15.48 17.26
CA LEU A 542 9.89 -14.09 17.12
C LEU A 542 9.86 -13.70 15.64
N PHE A 543 10.91 -14.08 14.89
CA PHE A 543 10.96 -13.85 13.45
C PHE A 543 9.76 -14.49 12.76
N ARG A 544 9.48 -15.74 13.11
CA ARG A 544 8.33 -16.46 12.53
C ARG A 544 6.99 -15.83 12.89
N ALA A 545 6.84 -15.40 14.15
CA ALA A 545 5.62 -14.72 14.61
C ALA A 545 5.41 -13.43 13.81
N GLN A 546 6.49 -12.67 13.65
CA GLN A 546 6.44 -11.42 12.92
C GLN A 546 6.15 -11.61 11.44
N ARG A 547 6.71 -12.65 10.83
CA ARG A 547 6.35 -13.00 9.45
C ARG A 547 4.87 -13.38 9.31
N THR A 548 4.34 -14.11 10.29
CA THR A 548 2.92 -14.45 10.30
C THR A 548 2.07 -13.18 10.41
N GLU A 549 2.49 -12.26 11.28
CA GLU A 549 1.79 -10.99 11.43
C GLU A 549 1.79 -10.19 10.13
N VAL A 550 2.92 -10.17 9.44
CA VAL A 550 3.01 -9.51 8.14
C VAL A 550 2.06 -10.13 7.11
N ALA A 551 2.04 -11.46 7.03
CA ALA A 551 1.11 -12.15 6.12
C ALA A 551 -0.35 -11.78 6.45
N GLY A 552 -0.69 -11.79 7.73
CA GLY A 552 -2.03 -11.37 8.18
C GLY A 552 -2.33 -9.92 7.80
N MET A 553 -1.33 -9.05 7.97
CA MET A 553 -1.46 -7.63 7.63
C MET A 553 -1.77 -7.45 6.15
N THR A 554 -0.97 -8.08 5.29
CA THR A 554 -1.21 -8.01 3.84
C THR A 554 -2.65 -8.40 3.50
N ALA A 555 -3.08 -9.55 4.02
CA ALA A 555 -4.39 -10.11 3.69
C ALA A 555 -5.52 -9.21 4.21
N GLN A 556 -5.36 -8.68 5.42
CA GLN A 556 -6.42 -7.87 6.03
C GLN A 556 -6.47 -6.44 5.52
N ILE A 557 -5.33 -5.75 5.49
CA ILE A 557 -5.31 -4.32 5.14
C ILE A 557 -5.76 -4.10 3.69
N ASN A 558 -5.46 -5.07 2.83
CA ASN A 558 -5.83 -4.91 1.43
C ASN A 558 -7.26 -5.30 1.12
N ARG A 559 -7.82 -6.20 1.93
CA ARG A 559 -9.25 -6.44 1.89
C ARG A 559 -10.03 -5.24 2.43
N LYS A 560 -9.52 -4.65 3.51
CA LYS A 560 -10.01 -3.34 3.99
C LYS A 560 -9.94 -2.27 2.88
N ALA A 561 -8.80 -2.21 2.19
CA ALA A 561 -8.65 -1.25 1.10
C ALA A 561 -9.67 -1.48 -0.02
N LEU A 562 -9.97 -2.75 -0.32
CA LEU A 562 -10.95 -3.08 -1.35
C LEU A 562 -12.34 -2.63 -0.96
N ILE A 563 -12.76 -2.91 0.27
CA ILE A 563 -14.12 -2.51 0.69
C ILE A 563 -14.26 -1.00 0.84
N ASN A 564 -13.22 -0.33 1.35
CA ASN A 564 -13.21 1.13 1.39
C ASN A 564 -13.18 1.72 -0.02
N GLY A 565 -12.57 0.96 -0.94
CA GLY A 565 -12.52 1.33 -2.35
C GLY A 565 -13.89 1.33 -3.00
N LEU A 566 -14.76 0.40 -2.57
CA LEU A 566 -16.15 0.39 -3.05
C LEU A 566 -16.88 1.67 -2.63
N ALA A 567 -16.73 2.09 -1.38
CA ALA A 567 -17.29 3.36 -0.92
C ALA A 567 -16.75 4.53 -1.75
N GLY A 568 -15.45 4.51 -2.04
CA GLY A 568 -14.83 5.56 -2.86
C GLY A 568 -15.25 5.51 -4.33
N ALA A 569 -15.42 4.28 -4.85
CA ALA A 569 -15.80 4.11 -6.25
C ALA A 569 -17.15 4.74 -6.58
N LEU A 570 -18.04 4.79 -5.59
CA LEU A 570 -19.34 5.46 -5.77
C LEU A 570 -19.17 6.96 -6.10
N GLY A 571 -18.00 7.51 -5.78
CA GLY A 571 -17.67 8.89 -6.11
C GLY A 571 -16.67 9.05 -7.27
N ASN A 572 -16.46 7.98 -8.03
CA ASN A 572 -15.62 8.03 -9.22
C ASN A 572 -16.45 7.90 -10.49
N VAL A 573 -16.33 8.88 -11.39
CA VAL A 573 -17.20 8.95 -12.57
C VAL A 573 -17.10 7.74 -13.52
N TRP A 574 -16.03 6.95 -13.38
CA TRP A 574 -15.83 5.77 -14.23
C TRP A 574 -16.48 4.51 -13.71
N PHE A 575 -17.01 4.57 -12.49
CA PHE A 575 -17.68 3.41 -11.90
C PHE A 575 -19.10 3.30 -12.45
N ARG A 576 -19.49 2.08 -12.82
CA ARG A 576 -20.83 1.82 -13.33
C ARG A 576 -21.91 2.32 -12.38
N TYR A 577 -21.63 2.27 -11.08
CA TYR A 577 -22.62 2.64 -10.06
C TYR A 577 -22.31 3.99 -9.41
N TYR A 578 -21.57 4.83 -10.11
CA TYR A 578 -21.31 6.20 -9.66
C TYR A 578 -22.60 6.90 -9.26
N ASP A 579 -22.60 7.50 -8.07
CA ASP A 579 -23.76 8.25 -7.63
C ASP A 579 -23.37 9.06 -6.42
N LEU A 580 -23.23 10.37 -6.61
CA LEU A 580 -22.87 11.26 -5.51
C LEU A 580 -23.88 11.26 -4.36
N ARG A 581 -25.13 10.92 -4.66
CA ARG A 581 -26.14 10.76 -3.61
C ARG A 581 -25.74 9.65 -2.65
N ASN A 582 -25.24 8.54 -3.18
CA ASN A 582 -24.78 7.44 -2.34
C ASN A 582 -23.42 7.71 -1.69
N ALA A 583 -22.48 8.26 -2.46
CA ALA A 583 -21.16 8.61 -1.90
C ALA A 583 -21.31 9.58 -0.73
N THR A 584 -22.14 10.61 -0.90
CA THR A 584 -22.33 11.61 0.16
C THR A 584 -23.20 11.09 1.29
N ALA A 585 -24.09 10.14 1.01
CA ALA A 585 -24.86 9.49 2.07
C ALA A 585 -23.92 8.82 3.08
N ILE A 586 -22.85 8.19 2.56
CA ILE A 586 -21.84 7.56 3.41
C ILE A 586 -21.06 8.58 4.23
N THR A 587 -20.47 9.56 3.55
CA THR A 587 -19.56 10.51 4.21
C THR A 587 -20.29 11.40 5.21
N THR A 588 -21.51 11.81 4.87
CA THR A 588 -22.30 12.68 5.74
C THR A 588 -22.76 11.92 6.99
N PHE A 589 -23.17 10.66 6.80
CA PHE A 589 -23.51 9.78 7.92
C PHE A 589 -22.32 9.65 8.87
N GLY A 590 -21.12 9.48 8.30
CA GLY A 590 -19.89 9.39 9.10
C GLY A 590 -19.63 10.63 9.93
N GLN A 591 -19.84 11.81 9.34
CA GLN A 591 -19.66 13.09 10.06
C GLN A 591 -20.61 13.17 11.25
N MET A 592 -21.87 12.80 11.02
CA MET A 592 -22.85 12.72 12.08
C MET A 592 -22.44 11.73 13.16
N ALA A 593 -22.07 10.51 12.75
CA ALA A 593 -21.75 9.45 13.70
C ALA A 593 -20.65 9.87 14.68
N LEU A 594 -19.59 10.47 14.15
CA LEU A 594 -18.46 10.90 14.96
C LEU A 594 -18.86 11.98 15.99
N GLN A 595 -19.57 13.00 15.52
CA GLN A 595 -19.93 14.14 16.38
C GLN A 595 -21.06 13.78 17.35
N TRP A 596 -21.96 12.89 16.91
CA TRP A 596 -22.98 12.30 17.78
C TRP A 596 -22.33 11.60 18.95
N ILE A 597 -21.35 10.75 18.68
CA ILE A 597 -20.74 9.98 19.76
C ILE A 597 -19.79 10.82 20.62
N GLU A 598 -19.17 11.83 20.03
CA GLU A 598 -18.44 12.81 20.83
C GLU A 598 -19.36 13.40 21.90
N ARG A 599 -20.55 13.82 21.50
CA ARG A 599 -21.55 14.37 22.43
C ARG A 599 -21.97 13.35 23.50
N LYS A 600 -22.23 12.11 23.08
CA LYS A 600 -22.64 11.05 24.01
C LYS A 600 -21.56 10.70 25.03
N VAL A 601 -20.31 10.66 24.56
CA VAL A 601 -19.19 10.31 25.44
C VAL A 601 -18.94 11.44 26.44
N ASN A 602 -18.97 12.68 25.98
CA ASN A 602 -18.88 13.84 26.89
C ASN A 602 -20.00 13.83 27.94
N GLU A 603 -21.21 13.51 27.51
CA GLU A 603 -22.36 13.45 28.42
C GLU A 603 -22.16 12.36 29.47
N TYR A 604 -21.73 11.18 29.03
CA TYR A 604 -21.50 10.05 29.94
C TYR A 604 -20.43 10.38 30.99
N LEU A 605 -19.29 10.88 30.55
CA LEU A 605 -18.18 11.12 31.46
C LEU A 605 -18.42 12.30 32.42
N ASN A 606 -19.13 13.33 31.95
CA ASN A 606 -19.54 14.45 32.83
C ASN A 606 -20.44 13.94 33.94
N GLU A 607 -21.28 12.97 33.60
CA GLU A 607 -22.17 12.30 34.57
C GLU A 607 -21.38 11.50 35.61
N VAL A 608 -20.46 10.65 35.16
CA VAL A 608 -19.65 9.85 36.10
C VAL A 608 -18.73 10.71 36.97
N CYS A 609 -18.28 11.84 36.43
CA CYS A 609 -17.37 12.76 37.16
C CYS A 609 -18.11 13.82 37.97
N GLY A 610 -19.41 13.93 37.77
CA GLY A 610 -20.23 14.91 38.47
C GLY A 610 -19.93 16.33 38.05
N THR A 611 -19.58 16.52 36.78
CA THR A 611 -19.30 17.84 36.22
C THR A 611 -20.33 18.21 35.15
N GLU A 612 -20.16 19.39 34.57
CA GLU A 612 -21.08 19.88 33.54
C GLU A 612 -20.30 20.64 32.46
N GLY A 613 -20.47 20.22 31.21
CA GLY A 613 -19.92 20.94 30.06
C GLY A 613 -18.43 20.80 29.80
N GLU A 614 -17.75 19.92 30.51
CA GLU A 614 -16.33 19.67 30.26
C GLU A 614 -16.10 18.80 29.02
N ALA A 615 -15.06 19.11 28.26
CA ALA A 615 -14.72 18.37 27.05
C ALA A 615 -13.75 17.22 27.34
N PHE A 616 -14.28 16.01 27.44
CA PHE A 616 -13.45 14.81 27.62
C PHE A 616 -12.88 14.34 26.30
N VAL A 617 -13.66 14.50 25.23
CA VAL A 617 -13.19 14.16 23.88
C VAL A 617 -12.32 15.31 23.39
N LEU A 618 -11.02 15.04 23.24
CA LEU A 618 -10.07 16.09 22.91
C LEU A 618 -9.82 16.17 21.41
N TYR A 619 -10.16 15.10 20.70
CA TYR A 619 -9.86 14.98 19.28
C TYR A 619 -10.63 13.85 18.64
N GLY A 620 -10.82 13.97 17.34
CA GLY A 620 -11.42 12.91 16.55
C GLY A 620 -11.13 13.16 15.09
N ASP A 621 -11.03 12.08 14.32
CA ASP A 621 -10.79 12.17 12.89
C ASP A 621 -11.51 11.04 12.19
N THR A 622 -12.55 11.39 11.44
CA THR A 622 -13.35 10.47 10.62
C THR A 622 -14.23 9.53 11.46
N ASP A 623 -13.62 8.70 12.28
CA ASP A 623 -14.36 7.64 12.97
C ASP A 623 -13.76 7.25 14.32
N SER A 624 -12.87 8.09 14.82
CA SER A 624 -12.16 7.82 16.06
C SER A 624 -12.34 8.98 17.03
N ILE A 625 -12.33 8.68 18.32
CA ILE A 625 -12.31 9.72 19.33
C ILE A 625 -11.15 9.45 20.27
N TYR A 626 -10.57 10.53 20.79
CA TYR A 626 -9.52 10.46 21.79
C TYR A 626 -10.01 11.13 23.06
N VAL A 627 -10.02 10.34 24.12
CA VAL A 627 -10.64 10.74 25.38
C VAL A 627 -9.56 10.98 26.43
N SER A 628 -9.61 12.15 27.05
CA SER A 628 -8.72 12.45 28.17
C SER A 628 -9.15 11.60 29.38
N ALA A 629 -8.22 10.80 29.89
CA ALA A 629 -8.50 9.92 31.04
C ALA A 629 -7.90 10.42 32.36
N ASP A 630 -7.32 11.62 32.36
CA ASP A 630 -6.67 12.16 33.57
C ASP A 630 -7.57 12.09 34.81
N LYS A 631 -8.81 12.52 34.65
CA LYS A 631 -9.77 12.57 35.75
C LYS A 631 -10.16 11.18 36.26
N ILE A 632 -10.13 10.19 35.38
CA ILE A 632 -10.43 8.81 35.74
C ILE A 632 -9.32 8.25 36.62
N ILE A 633 -8.07 8.39 36.15
CA ILE A 633 -6.88 8.04 36.93
C ILE A 633 -6.87 8.76 38.28
N ASP A 634 -7.11 10.07 38.27
CA ASP A 634 -7.10 10.90 39.47
C ASP A 634 -8.20 10.54 40.47
N LYS A 635 -9.30 9.98 39.99
CA LYS A 635 -10.37 9.53 40.88
C LYS A 635 -9.93 8.37 41.79
N VAL A 636 -9.01 7.53 41.32
CA VAL A 636 -8.42 6.54 42.23
C VAL A 636 -7.14 7.09 42.88
N GLY A 637 -6.38 7.87 42.13
CA GLY A 637 -5.14 8.47 42.62
C GLY A 637 -3.94 7.65 42.22
N GLU A 638 -2.95 8.29 41.61
CA GLU A 638 -1.75 7.62 41.09
C GLU A 638 -1.01 6.78 42.13
N SER A 639 -1.05 7.22 43.39
CA SER A 639 -0.39 6.52 44.51
C SER A 639 -0.91 5.11 44.73
N LYS A 640 -2.13 4.86 44.29
CA LYS A 640 -2.80 3.58 44.51
C LYS A 640 -2.36 2.47 43.55
N PHE A 641 -1.63 2.84 42.49
CA PHE A 641 -1.22 1.86 41.49
C PHE A 641 0.17 1.28 41.75
N ARG A 642 0.26 -0.04 41.67
CA ARG A 642 1.51 -0.75 41.92
C ARG A 642 2.57 -0.43 40.88
N ASP A 643 2.14 -0.34 39.62
CA ASP A 643 3.04 -0.10 38.50
C ASP A 643 2.24 0.41 37.29
N THR A 644 2.94 0.66 36.18
CA THR A 644 2.28 1.12 34.95
C THR A 644 1.18 0.17 34.48
N ASN A 645 1.51 -1.13 34.42
CA ASN A 645 0.57 -2.14 33.96
C ASN A 645 -0.73 -2.14 34.76
N HIS A 646 -0.65 -1.77 36.04
CA HIS A 646 -1.81 -1.71 36.93
C HIS A 646 -2.84 -0.68 36.50
N TRP A 647 -2.40 0.56 36.20
CA TRP A 647 -3.36 1.56 35.69
C TRP A 647 -3.81 1.31 34.27
N VAL A 648 -2.96 0.66 33.47
CA VAL A 648 -3.35 0.23 32.11
C VAL A 648 -4.51 -0.77 32.19
N ASP A 649 -4.39 -1.75 33.08
CA ASP A 649 -5.46 -2.71 33.36
C ASP A 649 -6.74 -2.02 33.78
N PHE A 650 -6.59 -1.01 34.64
CA PHE A 650 -7.73 -0.28 35.20
C PHE A 650 -8.48 0.48 34.09
N LEU A 651 -7.72 1.18 33.25
CA LEU A 651 -8.31 1.87 32.10
C LEU A 651 -8.90 0.91 31.07
N ASP A 652 -8.25 -0.24 30.88
CA ASP A 652 -8.75 -1.27 29.98
C ASP A 652 -10.13 -1.75 30.45
N LYS A 653 -10.23 -2.03 31.74
CA LYS A 653 -11.48 -2.45 32.35
C LYS A 653 -12.55 -1.35 32.26
N PHE A 654 -12.16 -0.11 32.54
CA PHE A 654 -13.08 1.03 32.49
C PHE A 654 -13.65 1.20 31.08
N ALA A 655 -12.77 1.10 30.08
CA ALA A 655 -13.19 1.23 28.68
C ALA A 655 -14.16 0.12 28.28
N ARG A 656 -13.83 -1.11 28.65
CA ARG A 656 -14.63 -2.27 28.25
C ARG A 656 -15.96 -2.39 29.00
N GLU A 657 -15.94 -2.14 30.30
CA GLU A 657 -17.11 -2.37 31.15
C GLU A 657 -18.04 -1.15 31.32
N ARG A 658 -17.50 0.05 31.12
CA ARG A 658 -18.29 1.26 31.33
C ARG A 658 -18.47 2.07 30.05
N MET A 659 -17.36 2.40 29.38
CA MET A 659 -17.44 3.26 28.21
C MET A 659 -18.04 2.62 26.96
N GLU A 660 -17.61 1.41 26.63
CA GLU A 660 -18.16 0.72 25.46
C GLU A 660 -19.68 0.48 25.54
N PRO A 661 -20.20 0.04 26.70
CA PRO A 661 -21.67 -0.08 26.77
C PRO A 661 -22.40 1.26 26.61
N ALA A 662 -21.82 2.34 27.14
CA ALA A 662 -22.38 3.68 26.96
C ALA A 662 -22.34 4.10 25.48
N ILE A 663 -21.22 3.82 24.83
CA ILE A 663 -21.06 4.13 23.41
C ILE A 663 -22.09 3.33 22.58
N ASP A 664 -22.21 2.04 22.88
CA ASP A 664 -23.17 1.17 22.22
C ASP A 664 -24.60 1.70 22.35
N ARG A 665 -24.97 2.15 23.57
CA ARG A 665 -26.31 2.70 23.79
C ARG A 665 -26.54 3.96 22.95
N GLY A 666 -25.53 4.82 22.92
CA GLY A 666 -25.57 6.03 22.09
C GLY A 666 -25.79 5.74 20.62
N PHE A 667 -25.04 4.78 20.08
CA PHE A 667 -25.19 4.41 18.68
C PHE A 667 -26.50 3.70 18.36
N ARG A 668 -26.99 2.85 19.27
CA ARG A 668 -28.30 2.21 19.07
CA ARG A 668 -28.30 2.21 19.08
C ARG A 668 -29.41 3.26 18.96
N GLU A 669 -29.31 4.32 19.76
CA GLU A 669 -30.26 5.43 19.67
C GLU A 669 -30.15 6.16 18.33
N MET A 670 -28.93 6.34 17.85
CA MET A 670 -28.69 6.97 16.55
C MET A 670 -29.27 6.13 15.41
N CYS A 671 -29.13 4.81 15.51
CA CYS A 671 -29.70 3.89 14.52
C CYS A 671 -31.22 4.05 14.44
N GLU A 672 -31.85 4.13 15.62
CA GLU A 672 -33.30 4.33 15.72
C GLU A 672 -33.73 5.67 15.11
N TYR A 673 -32.97 6.71 15.43
CA TYR A 673 -33.22 8.07 14.95
C TYR A 673 -33.23 8.12 13.41
N MET A 674 -32.21 7.50 12.80
CA MET A 674 -32.13 7.41 11.34
C MET A 674 -32.95 6.27 10.74
N ASN A 675 -33.63 5.50 11.59
CA ASN A 675 -34.44 4.34 11.19
C ASN A 675 -33.66 3.33 10.34
N ASN A 676 -32.39 3.10 10.69
CA ASN A 676 -31.53 2.29 9.82
C ASN A 676 -31.91 0.80 9.84
N LYS A 677 -31.42 0.06 8.85
CA LYS A 677 -31.79 -1.34 8.69
C LYS A 677 -31.22 -2.22 9.81
N GLN A 678 -29.96 -1.97 10.17
CA GLN A 678 -29.26 -2.80 11.15
C GLN A 678 -28.21 -1.96 11.87
N HIS A 679 -28.16 -2.07 13.19
CA HIS A 679 -27.13 -1.37 13.99
C HIS A 679 -25.79 -2.02 13.80
N LEU A 680 -24.85 -1.28 13.21
CA LEU A 680 -23.53 -1.82 12.93
C LEU A 680 -22.42 -0.84 13.27
N MET A 681 -22.75 0.20 14.04
CA MET A 681 -21.75 1.15 14.52
C MET A 681 -21.10 0.57 15.76
N PHE A 682 -19.96 -0.10 15.56
CA PHE A 682 -19.28 -0.79 16.66
C PHE A 682 -17.97 -0.08 16.94
N MET A 683 -17.98 0.71 18.02
CA MET A 683 -16.82 1.51 18.40
C MET A 683 -16.15 0.88 19.62
N ASP A 684 -14.95 0.36 19.40
CA ASP A 684 -14.20 -0.34 20.46
C ASP A 684 -12.99 0.46 20.87
N ARG A 685 -12.52 0.25 22.09
CA ARG A 685 -11.29 0.88 22.56
C ARG A 685 -10.12 0.49 21.64
N GLU A 686 -9.34 1.49 21.25
CA GLU A 686 -8.16 1.26 20.45
C GLU A 686 -6.90 1.34 21.33
N ALA A 687 -6.50 2.56 21.71
CA ALA A 687 -5.24 2.73 22.44
C ALA A 687 -5.44 3.16 23.89
N ILE A 688 -4.54 2.70 24.76
CA ILE A 688 -4.39 3.22 26.12
C ILE A 688 -3.00 3.83 26.22
N ALA A 689 -2.96 5.14 26.45
CA ALA A 689 -1.72 5.88 26.44
C ALA A 689 -1.49 6.67 27.72
N GLY A 690 -0.22 6.83 28.08
CA GLY A 690 0.17 7.63 29.24
C GLY A 690 1.65 7.51 29.49
N PRO A 691 2.19 8.33 30.42
CA PRO A 691 3.59 8.23 30.78
C PRO A 691 3.84 7.02 31.68
N PRO A 692 5.10 6.54 31.72
CA PRO A 692 5.42 5.48 32.69
C PRO A 692 5.15 5.96 34.12
N LEU A 693 4.57 5.10 34.96
CA LEU A 693 4.23 5.48 36.33
C LEU A 693 5.45 6.02 37.06
N GLY A 694 5.33 7.21 37.64
CA GLY A 694 6.39 7.82 38.44
C GLY A 694 7.43 8.61 37.66
N SER A 695 7.29 8.65 36.33
CA SER A 695 8.20 9.40 35.48
C SER A 695 7.75 10.86 35.35
N LYS A 696 8.55 11.66 34.65
CA LYS A 696 8.17 13.02 34.31
C LYS A 696 7.71 13.11 32.84
N GLY A 697 7.49 11.95 32.20
CA GLY A 697 7.04 11.91 30.81
C GLY A 697 5.68 12.57 30.66
N ILE A 698 5.41 13.16 29.49
CA ILE A 698 4.15 13.88 29.32
C ILE A 698 3.01 13.00 28.77
N GLY A 699 3.35 11.80 28.33
CA GLY A 699 2.35 10.86 27.84
C GLY A 699 2.02 11.05 26.37
N GLY A 700 1.57 12.24 26.01
CA GLY A 700 1.18 12.55 24.65
C GLY A 700 1.08 14.04 24.38
N PHE A 701 0.98 14.40 23.10
CA PHE A 701 0.70 15.78 22.69
C PHE A 701 0.05 15.83 21.30
N TRP A 702 -0.70 16.90 21.06
CA TRP A 702 -1.25 17.26 19.74
C TRP A 702 -0.73 18.61 19.36
N THR A 703 -0.34 18.79 18.09
CA THR A 703 -0.01 20.12 17.58
C THR A 703 -1.15 20.69 16.74
N GLY A 704 -1.98 19.82 16.19
CA GLY A 704 -3.04 20.24 15.28
C GLY A 704 -3.76 19.03 14.72
N LYS A 705 -4.65 19.26 13.76
CA LYS A 705 -5.32 18.17 13.06
C LYS A 705 -4.28 17.24 12.40
N LYS A 706 -4.50 15.93 12.56
CA LYS A 706 -3.67 14.91 11.93
C LYS A 706 -2.18 14.98 12.32
N ARG A 707 -1.91 15.52 13.52
CA ARG A 707 -0.54 15.69 14.01
C ARG A 707 -0.48 15.47 15.52
N TYR A 708 -0.07 14.27 15.94
CA TYR A 708 -0.04 13.91 17.36
C TYR A 708 0.90 12.77 17.65
N ALA A 709 1.19 12.57 18.94
CA ALA A 709 2.06 11.49 19.39
C ALA A 709 1.58 10.98 20.74
N LEU A 710 1.55 9.66 20.89
CA LEU A 710 1.10 9.01 22.12
C LEU A 710 2.03 7.89 22.53
N ASN A 711 2.25 7.77 23.83
CA ASN A 711 3.01 6.65 24.38
C ASN A 711 2.04 5.55 24.77
N VAL A 712 1.98 4.52 23.93
CA VAL A 712 0.92 3.50 24.01
C VAL A 712 1.38 2.23 24.70
N TRP A 713 0.56 1.74 25.63
CA TRP A 713 0.84 0.51 26.38
C TRP A 713 0.04 -0.65 25.88
N ASP A 714 -1.11 -0.36 25.29
CA ASP A 714 -2.01 -1.39 24.79
C ASP A 714 -2.73 -0.87 23.57
N MET A 715 -2.72 -1.68 22.52
CA MET A 715 -3.36 -1.32 21.25
C MET A 715 -4.22 -2.48 20.78
N GLU A 716 -5.54 -2.24 20.73
CA GLU A 716 -6.52 -3.25 20.29
C GLU A 716 -6.33 -4.61 20.98
N GLY A 717 -5.96 -4.59 22.25
CA GLY A 717 -5.83 -5.82 23.02
C GLY A 717 -4.44 -6.43 23.03
N THR A 718 -3.50 -5.80 22.32
CA THR A 718 -2.10 -6.18 22.39
C THR A 718 -1.42 -5.39 23.50
N ARG A 719 -0.99 -6.09 24.54
CA ARG A 719 -0.28 -5.47 25.66
C ARG A 719 1.21 -5.58 25.40
N TYR A 720 1.86 -4.45 25.13
CA TYR A 720 3.25 -4.44 24.71
C TYR A 720 4.21 -4.78 25.84
N ALA A 721 5.25 -5.53 25.50
CA ALA A 721 6.37 -5.74 26.42
C ALA A 721 7.02 -4.40 26.75
N GLU A 722 7.16 -3.54 25.74
CA GLU A 722 7.70 -2.19 25.92
C GLU A 722 6.75 -1.17 25.30
N PRO A 723 6.58 0.02 25.92
CA PRO A 723 5.66 1.00 25.34
C PRO A 723 6.01 1.33 23.90
N LYS A 724 5.00 1.58 23.07
CA LYS A 724 5.22 1.87 21.65
C LYS A 724 4.72 3.27 21.36
N LEU A 725 5.52 4.04 20.63
CA LEU A 725 5.10 5.39 20.24
C LEU A 725 4.17 5.29 19.06
N LYS A 726 2.96 5.84 19.22
CA LYS A 726 2.06 6.01 18.09
C LYS A 726 2.17 7.46 17.67
N ILE A 727 2.88 7.69 16.57
CA ILE A 727 3.11 9.05 16.07
C ILE A 727 2.42 9.16 14.73
N MET A 728 1.50 10.12 14.62
CA MET A 728 0.77 10.31 13.36
C MET A 728 1.03 11.70 12.81
N GLY A 729 1.40 11.77 11.52
CA GLY A 729 1.47 13.04 10.80
C GLY A 729 2.76 13.82 10.99
N LEU A 730 3.39 13.68 12.16
CA LEU A 730 4.61 14.43 12.46
C LEU A 730 5.74 14.01 11.52
N GLU A 731 6.78 14.84 11.44
CA GLU A 731 7.86 14.70 10.47
C GLU A 731 8.60 13.37 10.55
N THR A 732 8.56 12.71 11.72
CA THR A 732 9.11 11.37 11.88
C THR A 732 8.45 10.37 10.93
N GLN A 733 7.23 10.71 10.50
CA GLN A 733 6.39 9.81 9.69
C GLN A 733 6.42 10.13 8.18
N LYS A 734 7.15 11.17 7.81
CA LYS A 734 7.13 11.69 6.44
C LYS A 734 8.36 11.24 5.67
N SER A 735 8.15 10.67 4.49
CA SER A 735 9.26 10.22 3.64
C SER A 735 10.15 11.37 3.16
N SER A 736 9.63 12.60 3.21
CA SER A 736 10.38 13.80 2.83
C SER A 736 11.42 14.21 3.88
N THR A 737 11.24 13.79 5.13
CA THR A 737 12.14 14.12 6.23
C THR A 737 13.43 13.30 6.17
N PRO A 738 14.62 13.92 6.32
CA PRO A 738 15.87 13.15 6.26
C PRO A 738 15.88 11.99 7.24
N LYS A 739 16.49 10.88 6.83
CA LYS A 739 16.47 9.65 7.65
C LYS A 739 17.00 9.84 9.07
N ALA A 740 18.17 10.48 9.20
CA ALA A 740 18.76 10.74 10.52
C ALA A 740 17.94 11.70 11.35
N VAL A 741 17.20 12.59 10.68
CA VAL A 741 16.36 13.58 11.35
C VAL A 741 15.06 12.94 11.86
N GLN A 742 14.48 12.04 11.08
CA GLN A 742 13.35 11.23 11.55
C GLN A 742 13.75 10.56 12.85
N LYS A 743 14.94 9.96 12.85
CA LYS A 743 15.45 9.21 14.00
C LYS A 743 15.64 10.12 15.21
N ALA A 744 16.27 11.28 15.01
CA ALA A 744 16.48 12.26 16.06
C ALA A 744 15.17 12.82 16.60
N LEU A 745 14.26 13.18 15.70
CA LEU A 745 12.97 13.71 16.13
C LEU A 745 12.18 12.66 16.89
N LYS A 746 12.30 11.39 16.50
CA LYS A 746 11.60 10.30 17.21
C LYS A 746 12.11 10.15 18.64
N GLU A 747 13.43 10.22 18.80
CA GLU A 747 14.03 10.16 20.13
C GLU A 747 13.65 11.37 21.01
N CYS A 748 13.56 12.56 20.40
CA CYS A 748 13.09 13.74 21.14
C CYS A 748 11.67 13.49 21.64
N ILE A 749 10.81 12.99 20.76
CA ILE A 749 9.44 12.66 21.13
C ILE A 749 9.41 11.56 22.22
N ARG A 750 10.18 10.50 22.03
CA ARG A 750 10.24 9.44 23.06
C ARG A 750 10.58 10.03 24.43
N ARG A 751 11.61 10.86 24.48
CA ARG A 751 12.04 11.49 25.72
C ARG A 751 10.96 12.41 26.30
N MET A 752 10.32 13.21 25.45
CA MET A 752 9.19 14.03 25.88
C MET A 752 8.10 13.21 26.57
N LEU A 753 7.64 12.16 25.89
CA LEU A 753 6.51 11.35 26.35
C LEU A 753 6.83 10.44 27.53
N GLN A 754 8.08 9.98 27.61
CA GLN A 754 8.44 8.94 28.57
C GLN A 754 9.28 9.42 29.75
N GLU A 755 10.07 10.46 29.52
CA GLU A 755 11.07 10.90 30.50
C GLU A 755 10.90 12.35 30.93
N GLY A 756 10.48 13.21 30.01
CA GLY A 756 10.19 14.59 30.37
C GLY A 756 11.13 15.64 29.80
N GLU A 757 10.96 16.88 30.26
CA GLU A 757 11.64 18.06 29.69
C GLU A 757 13.16 18.03 29.78
N GLU A 758 13.69 17.67 30.95
CA GLU A 758 15.13 17.68 31.17
C GLU A 758 15.84 16.67 30.27
N SER A 759 15.21 15.51 30.08
CA SER A 759 15.73 14.49 29.19
C SER A 759 15.78 14.97 27.74
N LEU A 760 14.71 15.64 27.31
CA LEU A 760 14.63 16.24 25.98
C LEU A 760 15.76 17.26 25.77
N GLN A 761 15.97 18.13 26.75
CA GLN A 761 17.02 19.13 26.67
C GLN A 761 18.41 18.50 26.53
N GLU A 762 18.64 17.41 27.28
CA GLU A 762 19.92 16.70 27.22
CA GLU A 762 19.92 16.68 27.22
C GLU A 762 20.19 16.19 25.80
N TYR A 763 19.18 15.59 25.18
CA TYR A 763 19.32 15.03 23.84
C TYR A 763 19.47 16.09 22.76
N PHE A 764 18.66 17.15 22.84
CA PHE A 764 18.75 18.22 21.87
C PHE A 764 20.16 18.79 21.81
N LYS A 765 20.74 19.11 22.98
CA LYS A 765 22.05 19.72 23.06
C LYS A 765 23.09 18.83 22.39
N GLU A 766 22.96 17.52 22.58
CA GLU A 766 23.89 16.58 21.96
C GLU A 766 23.74 16.48 20.44
N PHE A 767 22.51 16.36 19.96
CA PHE A 767 22.26 16.28 18.52
C PHE A 767 22.79 17.51 17.78
N GLU A 768 22.49 18.69 18.32
CA GLU A 768 22.93 19.97 17.77
C GLU A 768 24.45 20.02 17.67
N LYS A 769 25.12 19.46 18.67
CA LYS A 769 26.57 19.44 18.73
C LYS A 769 27.21 18.49 17.72
N GLU A 770 26.56 17.37 17.44
CA GLU A 770 27.21 16.28 16.68
C GLU A 770 26.71 16.05 15.24
N PHE A 771 25.61 16.70 14.86
CA PHE A 771 24.90 16.32 13.63
C PHE A 771 25.70 16.52 12.33
N ARG A 772 26.69 17.42 12.36
CA ARG A 772 27.50 17.71 11.17
CA ARG A 772 27.51 17.72 11.18
C ARG A 772 28.35 16.52 10.74
N GLN A 773 28.47 15.53 11.61
CA GLN A 773 29.20 14.29 11.32
C GLN A 773 28.33 13.27 10.59
N LEU A 774 27.02 13.51 10.55
CA LEU A 774 26.09 12.58 9.89
C LEU A 774 26.33 12.50 8.39
N ASN A 775 26.22 11.30 7.85
CA ASN A 775 26.41 11.07 6.42
C ASN A 775 25.44 11.94 5.62
N TYR A 776 25.94 12.54 4.54
CA TYR A 776 25.17 13.51 3.76
C TYR A 776 23.82 12.98 3.26
N ILE A 777 23.77 11.71 2.87
CA ILE A 777 22.52 11.08 2.44
C ILE A 777 21.50 11.03 3.59
N SER A 778 21.97 10.74 4.79
CA SER A 778 21.10 10.63 5.97
C SER A 778 20.48 11.95 6.40
N ILE A 779 21.06 13.08 5.95
CA ILE A 779 20.54 14.40 6.30
C ILE A 779 19.96 15.17 5.11
N ALA A 780 19.85 14.49 3.96
CA ALA A 780 19.21 15.04 2.78
C ALA A 780 17.69 14.89 2.86
N SER A 781 16.98 15.92 2.45
CA SER A 781 15.53 15.85 2.31
C SER A 781 15.18 15.06 1.06
N VAL A 782 13.92 14.65 0.95
CA VAL A 782 13.47 13.86 -0.19
C VAL A 782 12.22 14.49 -0.78
N SER A 783 12.12 14.50 -2.10
CA SER A 783 10.89 14.94 -2.74
C SER A 783 10.68 14.26 -4.09
N SER A 784 9.43 13.94 -4.41
CA SER A 784 9.07 13.63 -5.79
C SER A 784 9.32 14.88 -6.62
N ALA A 785 9.71 14.66 -7.87
CA ALA A 785 10.04 15.76 -8.77
C ALA A 785 9.20 15.73 -10.05
N ASN A 786 8.16 16.56 -10.07
CA ASN A 786 7.30 16.68 -11.24
C ASN A 786 7.52 18.00 -11.98
N ASN A 787 7.21 18.02 -13.27
CA ASN A 787 7.31 19.24 -14.10
C ASN A 787 8.67 19.92 -14.10
N ILE A 788 9.74 19.13 -14.20
CA ILE A 788 11.08 19.71 -14.25
C ILE A 788 11.19 20.67 -15.44
N ALA A 789 10.68 20.24 -16.60
CA ALA A 789 10.72 21.02 -17.83
C ALA A 789 9.97 22.35 -17.76
N LYS A 790 8.81 22.35 -17.09
CA LYS A 790 7.98 23.55 -16.94
C LYS A 790 8.75 24.72 -16.29
N TYR A 791 9.57 24.41 -15.29
CA TYR A 791 10.27 25.42 -14.52
C TYR A 791 11.69 25.67 -15.00
N ASP A 792 12.07 24.99 -16.08
CA ASP A 792 13.41 25.10 -16.64
C ASP A 792 13.44 26.17 -17.75
N VAL A 793 14.09 27.29 -17.45
CA VAL A 793 14.24 28.38 -18.43
C VAL A 793 15.73 28.54 -18.77
N GLY A 794 16.16 27.86 -19.82
CA GLY A 794 17.56 27.86 -20.25
C GLY A 794 18.52 27.31 -19.20
N GLY A 795 18.06 26.33 -18.42
CA GLY A 795 18.88 25.71 -17.39
C GLY A 795 18.80 26.39 -16.03
N PHE A 796 18.02 27.47 -15.95
CA PHE A 796 17.85 28.23 -14.71
C PHE A 796 16.38 28.25 -14.28
N PRO A 797 16.11 28.47 -12.97
CA PRO A 797 14.73 28.45 -12.45
C PRO A 797 13.82 29.51 -13.05
N GLY A 798 12.66 29.08 -13.53
CA GLY A 798 11.60 29.99 -13.98
C GLY A 798 10.82 30.54 -12.80
N PRO A 799 9.80 31.37 -13.08
CA PRO A 799 8.98 31.94 -12.00
C PRO A 799 8.29 30.85 -11.18
N LYS A 800 8.24 31.04 -9.86
CA LYS A 800 7.58 30.12 -8.93
C LYS A 800 8.21 28.72 -8.86
N CYS A 801 9.47 28.61 -9.30
CA CYS A 801 10.16 27.32 -9.31
C CYS A 801 10.24 26.74 -7.91
N PRO A 802 9.72 25.51 -7.72
CA PRO A 802 9.82 24.88 -6.40
C PRO A 802 11.27 24.62 -5.99
N PHE A 803 11.51 24.59 -4.70
CA PHE A 803 12.85 24.42 -4.13
C PHE A 803 13.56 23.16 -4.65
N HIS A 804 12.86 22.03 -4.63
CA HIS A 804 13.47 20.79 -5.10
C HIS A 804 13.77 20.78 -6.57
N ILE A 805 12.93 21.46 -7.35
CA ILE A 805 13.15 21.58 -8.80
C ILE A 805 14.36 22.48 -9.09
N ARG A 806 14.47 23.58 -8.34
CA ARG A 806 15.66 24.43 -8.38
C ARG A 806 16.93 23.60 -8.15
N GLY A 807 16.87 22.69 -7.17
CA GLY A 807 17.98 21.80 -6.88
C GLY A 807 18.34 20.92 -8.07
N ILE A 808 17.32 20.44 -8.78
CA ILE A 808 17.54 19.58 -9.95
C ILE A 808 18.21 20.36 -11.07
N LEU A 809 17.76 21.59 -11.29
CA LEU A 809 18.35 22.45 -12.31
C LEU A 809 19.82 22.74 -12.00
N THR A 810 20.11 23.00 -10.73
CA THR A 810 21.48 23.16 -10.27
C THR A 810 22.33 21.94 -10.64
N TYR A 811 21.83 20.75 -10.29
CA TYR A 811 22.47 19.48 -10.62
C TYR A 811 22.70 19.35 -12.12
N ASN A 812 21.66 19.61 -12.91
CA ASN A 812 21.74 19.51 -14.37
C ASN A 812 22.82 20.40 -15.00
N ARG A 813 23.03 21.60 -14.45
CA ARG A 813 24.11 22.48 -14.91
C ARG A 813 25.48 21.91 -14.53
N ALA A 814 25.57 21.37 -13.31
CA ALA A 814 26.80 20.82 -12.76
C ALA A 814 27.31 19.57 -13.49
N ILE A 815 26.40 18.78 -14.06
CA ILE A 815 26.77 17.55 -14.77
C ILE A 815 26.74 17.70 -16.30
N LYS A 816 26.37 18.89 -16.77
CA LYS A 816 26.17 19.14 -18.21
C LYS A 816 27.36 18.69 -19.05
N GLY A 817 27.06 18.03 -20.16
CA GLY A 817 28.08 17.51 -21.05
C GLY A 817 28.53 16.10 -20.69
N ASN A 818 27.81 15.47 -19.76
CA ASN A 818 28.08 14.09 -19.37
C ASN A 818 26.91 13.18 -19.71
N ILE A 819 27.10 12.34 -20.73
CA ILE A 819 26.11 11.36 -21.15
C ILE A 819 26.06 10.20 -20.13
N ASP A 820 27.16 10.03 -19.40
CA ASP A 820 27.32 8.97 -18.39
C ASP A 820 26.65 9.29 -17.05
N ALA A 821 26.62 10.58 -16.69
CA ALA A 821 26.09 11.03 -15.39
C ALA A 821 24.64 10.61 -15.18
N PRO A 822 24.31 10.16 -13.95
CA PRO A 822 22.93 9.77 -13.65
C PRO A 822 21.97 10.92 -13.89
N GLN A 823 20.95 10.69 -14.70
CA GLN A 823 19.95 11.71 -14.98
C GLN A 823 18.82 11.64 -13.97
N VAL A 824 18.31 12.79 -13.58
CA VAL A 824 17.10 12.87 -12.76
C VAL A 824 15.92 12.52 -13.67
N VAL A 825 15.10 11.56 -13.24
CA VAL A 825 13.96 11.12 -14.02
C VAL A 825 12.68 11.81 -13.56
N GLU A 826 12.04 12.50 -14.51
CA GLU A 826 10.76 13.16 -14.28
C GLU A 826 9.78 12.22 -13.56
N GLY A 827 9.22 12.71 -12.45
CA GLY A 827 8.20 11.96 -11.71
C GLY A 827 8.74 11.06 -10.60
N GLU A 828 10.06 10.87 -10.58
CA GLU A 828 10.69 10.05 -9.55
C GLU A 828 11.19 10.94 -8.40
N LYS A 829 11.87 10.36 -7.42
CA LYS A 829 12.27 11.12 -6.23
C LYS A 829 13.73 11.54 -6.23
N VAL A 830 13.99 12.68 -5.58
CA VAL A 830 15.35 13.20 -5.45
C VAL A 830 15.71 13.45 -3.99
N TYR A 831 16.99 13.30 -3.68
CA TYR A 831 17.54 13.87 -2.45
C TYR A 831 17.82 15.34 -2.71
N VAL A 832 17.64 16.17 -1.67
CA VAL A 832 17.83 17.61 -1.77
C VAL A 832 18.70 18.10 -0.60
N LEU A 833 19.71 18.91 -0.91
CA LEU A 833 20.56 19.52 0.10
C LEU A 833 20.69 21.03 -0.15
N PRO A 834 20.65 21.83 0.92
CA PRO A 834 20.92 23.26 0.76
C PRO A 834 22.42 23.53 0.65
N LEU A 835 22.77 24.61 -0.07
CA LEU A 835 24.16 24.98 -0.35
C LEU A 835 24.47 26.34 0.25
N ARG A 836 25.67 26.50 0.82
CA ARG A 836 26.06 27.77 1.45
C ARG A 836 26.30 28.86 0.41
N GLU A 837 26.09 30.12 0.83
CA GLU A 837 26.34 31.29 -0.01
C GLU A 837 27.72 31.25 -0.68
N GLY A 838 27.77 31.60 -1.95
CA GLY A 838 29.03 31.71 -2.69
C GLY A 838 29.63 30.39 -3.12
N ASN A 839 28.81 29.33 -3.15
CA ASN A 839 29.23 28.02 -3.64
C ASN A 839 29.39 28.03 -5.16
N PRO A 840 30.22 27.12 -5.69
CA PRO A 840 30.49 27.09 -7.14
C PRO A 840 29.35 26.56 -8.01
N PHE A 841 28.27 26.07 -7.40
CA PHE A 841 27.11 25.59 -8.17
C PHE A 841 26.16 26.71 -8.58
N GLY A 842 26.39 27.88 -7.98
CA GLY A 842 25.67 29.11 -8.34
C GLY A 842 24.22 29.19 -7.89
N ASP A 843 23.82 28.33 -6.94
CA ASP A 843 22.46 28.39 -6.38
C ASP A 843 22.38 27.82 -4.96
N LYS A 844 21.21 27.97 -4.34
CA LYS A 844 21.04 27.73 -2.91
C LYS A 844 20.78 26.27 -2.50
N CYS A 845 20.66 25.40 -3.50
CA CYS A 845 20.43 23.98 -3.25
C CYS A 845 20.78 23.11 -4.45
N ILE A 846 20.96 21.83 -4.20
CA ILE A 846 21.21 20.84 -5.24
C ILE A 846 20.40 19.57 -4.94
N ALA A 847 20.00 18.86 -5.98
CA ALA A 847 19.23 17.63 -5.84
C ALA A 847 19.75 16.59 -6.81
N TRP A 848 19.64 15.32 -6.43
CA TRP A 848 20.09 14.21 -7.28
C TRP A 848 19.22 13.01 -7.05
N PRO A 849 19.29 11.99 -7.94
CA PRO A 849 18.36 10.86 -7.81
C PRO A 849 18.40 10.21 -6.42
N SER A 850 17.22 9.98 -5.84
CA SER A 850 17.12 9.35 -4.52
C SER A 850 17.58 7.90 -4.56
N GLY A 851 18.04 7.39 -3.42
CA GLY A 851 18.56 6.03 -3.31
C GLY A 851 19.95 5.86 -3.90
N THR A 852 20.58 6.96 -4.29
CA THR A 852 21.92 6.90 -4.89
C THR A 852 22.90 7.86 -4.23
N GLU A 853 24.19 7.52 -4.33
CA GLU A 853 25.27 8.44 -4.04
C GLU A 853 25.34 9.45 -5.17
N ILE A 854 25.57 10.72 -4.83
CA ILE A 854 25.74 11.74 -5.87
C ILE A 854 27.04 11.44 -6.63
N THR A 855 27.03 11.70 -7.94
CA THR A 855 28.17 11.35 -8.80
C THR A 855 29.50 11.95 -8.31
N ASP A 856 30.57 11.17 -8.46
CA ASP A 856 31.90 11.47 -7.89
C ASP A 856 32.51 12.84 -8.21
N LEU A 857 32.32 13.31 -9.42
CA LEU A 857 32.95 14.57 -9.84
C LEU A 857 32.34 15.84 -9.22
N ILE A 858 31.18 15.72 -8.59
CA ILE A 858 30.62 16.85 -7.82
C ILE A 858 30.42 16.55 -6.32
N LYS A 859 30.52 15.28 -5.94
CA LYS A 859 30.32 14.87 -4.54
C LYS A 859 31.17 15.67 -3.55
N ASP A 860 32.48 15.77 -3.84
CA ASP A 860 33.39 16.49 -2.95
CA ASP A 860 33.40 16.49 -2.96
C ASP A 860 32.97 17.95 -2.77
N ASP A 861 32.53 18.58 -3.86
CA ASP A 861 32.06 19.97 -3.80
C ASP A 861 30.75 20.10 -3.02
N VAL A 862 29.82 19.18 -3.25
CA VAL A 862 28.55 19.19 -2.50
C VAL A 862 28.86 19.06 -1.01
N LEU A 863 29.69 18.09 -0.65
CA LEU A 863 30.09 17.90 0.75
C LEU A 863 30.72 19.15 1.37
N HIS A 864 31.59 19.82 0.60
CA HIS A 864 32.28 21.02 1.07
C HIS A 864 31.35 22.18 1.28
N TRP A 865 30.28 22.26 0.48
CA TRP A 865 29.40 23.43 0.46
C TRP A 865 28.03 23.26 1.07
N MET A 866 27.72 22.03 1.49
CA MET A 866 26.48 21.69 2.22
C MET A 866 26.22 22.66 3.34
N ASP A 867 25.00 23.21 3.39
CA ASP A 867 24.67 24.16 4.46
C ASP A 867 24.03 23.43 5.65
N TYR A 868 24.87 22.98 6.58
CA TYR A 868 24.41 22.28 7.79
C TYR A 868 23.50 23.13 8.68
N THR A 869 23.77 24.43 8.74
CA THR A 869 22.97 25.33 9.58
C THR A 869 21.51 25.40 9.09
N VAL A 870 21.36 25.58 7.77
CA VAL A 870 20.03 25.66 7.16
C VAL A 870 19.32 24.30 7.27
N LEU A 871 20.07 23.23 7.00
CA LEU A 871 19.57 21.85 7.10
C LEU A 871 18.98 21.58 8.49
N LEU A 872 19.74 21.89 9.54
CA LEU A 872 19.29 21.70 10.91
C LEU A 872 18.06 22.54 11.26
N GLU A 873 18.08 23.82 10.90
CA GLU A 873 16.95 24.70 11.22
C GLU A 873 15.66 24.23 10.56
N LYS A 874 15.75 23.94 9.27
CA LYS A 874 14.57 23.57 8.49
C LYS A 874 13.99 22.21 8.82
N THR A 875 14.85 21.19 8.95
CA THR A 875 14.37 19.82 9.09
C THR A 875 14.23 19.36 10.54
N PHE A 876 15.00 19.96 11.44
CA PHE A 876 15.01 19.52 12.83
C PHE A 876 14.45 20.53 13.82
N ILE A 877 15.04 21.73 13.87
CA ILE A 877 14.66 22.72 14.87
C ILE A 877 13.22 23.20 14.69
N LYS A 878 12.86 23.55 13.45
CA LYS A 878 11.49 24.01 13.18
C LYS A 878 10.40 23.00 13.59
N PRO A 879 10.52 21.72 13.17
CA PRO A 879 9.52 20.76 13.66
C PRO A 879 9.55 20.58 15.17
N LEU A 880 10.74 20.47 15.76
CA LEU A 880 10.87 20.32 17.21
C LEU A 880 10.24 21.50 17.96
N GLU A 881 10.50 22.72 17.49
CA GLU A 881 9.85 23.91 18.04
C GLU A 881 8.32 23.79 18.03
N GLY A 882 7.78 23.24 16.95
CA GLY A 882 6.36 22.92 16.87
C GLY A 882 5.91 21.93 17.93
N PHE A 883 6.65 20.83 18.09
CA PHE A 883 6.29 19.80 19.09
C PHE A 883 6.29 20.36 20.50
N THR A 884 7.37 21.06 20.85
CA THR A 884 7.59 21.53 22.23
C THR A 884 6.66 22.68 22.60
N SER A 885 6.44 23.61 21.68
CA SER A 885 5.50 24.71 21.94
C SER A 885 4.09 24.16 22.13
N ALA A 886 3.72 23.16 21.34
CA ALA A 886 2.42 22.51 21.53
C ALA A 886 2.36 21.85 22.90
N ALA A 887 3.42 21.14 23.28
CA ALA A 887 3.48 20.42 24.55
C ALA A 887 3.77 21.31 25.77
N LYS A 888 3.99 22.60 25.51
CA LYS A 888 4.29 23.60 26.54
C LYS A 888 5.57 23.23 27.29
N LEU A 889 6.62 22.99 26.52
CA LEU A 889 7.87 22.41 26.98
C LEU A 889 8.99 23.19 26.31
N ASP A 890 10.16 23.28 26.94
CA ASP A 890 11.32 23.92 26.32
C ASP A 890 12.42 22.92 25.93
N TYR A 891 12.93 23.02 24.72
CA TYR A 891 14.00 22.12 24.28
C TYR A 891 15.38 22.62 24.70
N GLU A 892 15.44 23.87 25.15
CA GLU A 892 16.66 24.42 25.75
C GLU A 892 16.36 24.97 27.14
N LYS A 893 17.26 24.72 28.09
CA LYS A 893 17.07 25.14 29.48
C LYS A 893 17.06 26.66 29.62
N LYS A 894 15.95 27.17 30.16
CA LYS A 894 15.79 28.60 30.41
C LYS A 894 16.59 29.03 31.64
N ALA A 895 17.14 30.24 31.59
CA ALA A 895 17.89 30.80 32.72
C ALA A 895 17.02 30.87 33.97
N SER A 896 17.64 30.60 35.12
CA SER A 896 16.94 30.66 36.40
C SER A 896 17.76 31.43 37.43
N LEU A 897 17.14 31.77 38.56
CA LEU A 897 17.83 32.42 39.67
C LEU A 897 18.91 31.52 40.27
N PHE A 898 18.77 30.21 40.09
CA PHE A 898 19.77 29.25 40.55
C PHE A 898 21.14 29.40 39.88
N ASP A 899 21.15 29.96 38.67
CA ASP A 899 22.38 30.23 37.93
C ASP A 899 23.35 31.16 38.67
N MET A 900 22.83 31.90 39.66
CA MET A 900 23.65 32.76 40.52
C MET A 900 24.62 31.95 41.37
N PHE A 901 24.36 30.64 41.45
CA PHE A 901 25.19 29.71 42.20
C PHE A 901 25.89 28.73 41.26
O5' 3DR B 4 -10.00 2.83 -9.44
P 3DR B 4 -9.61 2.79 -11.11
OP1 3DR B 4 -9.92 1.44 -12.04
OP2 3DR B 4 -9.35 4.22 -11.90
C2' 3DR B 4 -11.53 4.87 -5.59
C5' 3DR B 4 -9.74 4.00 -8.67
C4' 3DR B 4 -10.98 4.29 -7.85
O4' 3DR B 4 -11.42 3.10 -7.20
C1' 3DR B 4 -11.86 3.40 -5.87
C3' 3DR B 4 -10.70 5.32 -6.77
O3' 3DR B 4 -11.17 6.56 -7.26
PA TTP D . -9.90 3.61 9.35
O1A TTP D . -10.34 3.80 10.79
O2A TTP D . -8.43 3.67 9.03
O3A TTP D . -10.35 2.16 8.82
PB TTP D . -11.78 1.43 8.96
O1B TTP D . -12.66 2.01 10.02
O2B TTP D . -12.30 1.29 7.54
O3B TTP D . -11.29 -0.06 9.40
PG TTP D . -10.76 -0.56 10.84
O1G TTP D . -11.72 -1.67 11.13
O2G TTP D . -10.83 0.63 11.78
O3G TTP D . -9.36 -1.03 10.54
O5' TTP D . -10.66 4.62 8.37
C5' TTP D . -11.94 5.14 8.68
C4' TTP D . -12.72 5.39 7.40
O4' TTP D . -11.99 6.34 6.58
C3' TTP D . -12.87 4.17 6.51
O3' TTP D . -13.93 3.28 6.89
C2' TTP D . -13.11 4.80 5.16
C1' TTP D . -12.20 6.04 5.20
N1 TTP D . -10.96 5.64 4.54
C2 TTP D . -10.90 5.72 3.14
O2 TTP D . -11.88 6.15 2.50
N3 TTP D . -9.80 5.34 2.47
C4 TTP D . -8.72 4.86 3.12
O4 TTP D . -7.72 4.52 2.48
C5 TTP D . -8.76 4.76 4.60
C5M TTP D . -7.60 4.23 5.40
C6 TTP D . -9.92 5.16 5.25
CA CA E . -12.03 2.56 12.07
CA CA F . -9.68 5.37 12.73
CA CA G . 13.33 -18.61 30.41
CA CA H . -10.94 -1.65 16.32
CA CA I . 20.79 -4.72 -12.95
#